data_4FF6
#
_entry.id   4FF6
#
_cell.length_a   78.260
_cell.length_b   84.530
_cell.length_c   80.850
_cell.angle_alpha   90.00
_cell.angle_beta   103.54
_cell.angle_gamma   90.00
#
_symmetry.space_group_name_H-M   'P 1 21 1'
#
loop_
_entity.id
_entity.type
_entity.pdbx_description
1 polymer 'Probable decaprenylphosphoryl-beta-D-ribose oxidase'
2 non-polymer 'FLAVIN-ADENINE DINUCLEOTIDE'
3 non-polymer 3-(hydroxyamino)-N-[(1R)-1-phenylethyl]-5-(trifluoromethyl)benzamide
4 non-polymer IMIDAZOLE
5 water water
#
_entity_poly.entity_id   1
_entity_poly.type   'polypeptide(L)'
_entity_poly.pdbx_seq_one_letter_code
;MGSSHHHHHHSSGLVPRGSHMLSVGATTTATRLTGWGRTAPSVANVLRTPDAEMIVKAVARVAESGGGRGAIARGLGRSY
GDNAQNGGGLVIDMTPLNTIHSIDADTKLVDIDAGVNLDQLMKAALPFGLWVPVLPGTRQVTVGGAIACDIHGKNHHSAG
SFGNHVRSMDLLTADGEIRHLTPTGEDAELFWATVGGNGLTGIIMRATIEMTPTSTAYFIADGDVTASLDETIALHSDGS
EARYTYSSAWFDAISAPPKLGRAAVSRGRLATVEQLPAKLRSEPLKFDAPQLLTLPDVFPNGLANKYTFGPIGELWYRKS
GTYRGKVQNLTQFYHPLDMFGEWNRAYGPAGFLQYQFVIPTEAVDEFKKIIGVIQASGHYSFLNVFKLFGPRNQAPLSFP
IPGWNICVDFPIKDGLGKFVSELDRRVLEFGGRLYTAKDSRTTAETFHAMYPRVDEWISVRRKVDPLRVFASDMARRLEL
L
;
_entity_poly.pdbx_strand_id   A,B
#
# COMPACT_ATOMS: atom_id res chain seq x y z
N THR A 27 20.60 -18.77 -20.23
CA THR A 27 19.79 -17.89 -19.40
C THR A 27 19.40 -16.59 -20.13
N THR A 28 20.20 -16.21 -21.13
CA THR A 28 19.94 -15.01 -21.92
C THR A 28 19.21 -15.33 -23.22
N THR A 29 18.49 -14.35 -23.76
CA THR A 29 17.75 -14.53 -25.01
C THR A 29 18.02 -13.38 -25.98
N ALA A 30 18.55 -13.70 -27.15
CA ALA A 30 18.77 -12.71 -28.21
C ALA A 30 17.46 -12.02 -28.58
N THR A 31 17.36 -10.74 -28.26
CA THR A 31 16.13 -9.97 -28.51
C THR A 31 16.42 -8.72 -29.33
N ARG A 32 15.44 -8.29 -30.12
CA ARG A 32 15.54 -7.05 -30.88
C ARG A 32 14.91 -5.91 -30.10
N LEU A 33 15.72 -4.91 -29.76
CA LEU A 33 15.31 -3.83 -28.86
C LEU A 33 15.23 -2.47 -29.53
N THR A 34 14.24 -1.67 -29.12
CA THR A 34 14.17 -0.26 -29.49
C THR A 34 13.77 0.53 -28.24
N GLY A 35 13.94 1.84 -28.28
CA GLY A 35 13.38 2.69 -27.25
C GLY A 35 11.89 2.80 -27.52
N TRP A 36 11.25 3.78 -26.90
CA TRP A 36 9.80 3.97 -27.05
C TRP A 36 9.48 4.59 -28.41
N GLY A 37 10.51 5.11 -29.08
CA GLY A 37 10.34 5.74 -30.38
C GLY A 37 10.24 4.69 -31.48
N ARG A 38 10.45 3.43 -31.09
CA ARG A 38 10.37 2.28 -32.00
C ARG A 38 11.34 2.45 -33.18
N THR A 39 12.50 3.03 -32.89
CA THR A 39 13.49 3.34 -33.91
C THR A 39 14.91 2.97 -33.47
N ALA A 40 15.82 2.96 -34.43
CA ALA A 40 17.22 2.54 -34.23
C ALA A 40 17.37 1.17 -33.55
N PRO A 41 16.69 0.13 -34.09
CA PRO A 41 16.66 -1.17 -33.39
C PRO A 41 18.00 -1.87 -33.41
N SER A 42 18.25 -2.69 -32.40
CA SER A 42 19.54 -3.34 -32.22
C SER A 42 19.32 -4.70 -31.52
N VAL A 43 20.16 -5.69 -31.81
CA VAL A 43 19.99 -7.01 -31.21
C VAL A 43 20.98 -7.27 -30.09
N ALA A 44 20.43 -7.64 -28.92
CA ALA A 44 21.24 -7.93 -27.74
C ALA A 44 20.76 -9.19 -27.00
N ASN A 45 21.62 -9.67 -26.11
CA ASN A 45 21.28 -10.81 -25.26
C ASN A 45 20.63 -10.35 -23.96
N VAL A 46 19.33 -10.57 -23.86
CA VAL A 46 18.55 -10.05 -22.73
C VAL A 46 18.38 -11.03 -21.58
N LEU A 47 19.21 -10.86 -20.55
CA LEU A 47 19.05 -11.59 -19.29
C LEU A 47 17.83 -11.08 -18.54
N ARG A 48 16.99 -11.99 -18.07
CA ARG A 48 15.85 -11.63 -17.23
C ARG A 48 15.71 -12.55 -16.03
N THR A 49 16.21 -12.11 -14.89
CA THR A 49 16.14 -12.92 -13.69
C THR A 49 15.76 -12.08 -12.46
N PRO A 50 14.83 -12.57 -11.64
CA PRO A 50 14.54 -11.98 -10.33
C PRO A 50 15.67 -12.24 -9.32
N ASP A 51 16.66 -13.02 -9.74
CA ASP A 51 17.74 -13.40 -8.83
C ASP A 51 18.96 -12.51 -8.96
N ALA A 52 19.17 -11.66 -7.96
CA ALA A 52 20.32 -10.76 -7.95
C ALA A 52 21.65 -11.50 -8.08
N GLU A 53 21.66 -12.78 -7.76
CA GLU A 53 22.89 -13.54 -7.85
C GLU A 53 23.24 -13.84 -9.30
N MET A 54 22.25 -14.23 -10.09
CA MET A 54 22.43 -14.46 -11.51
C MET A 54 22.94 -13.18 -12.17
N ILE A 55 22.43 -12.05 -11.70
CA ILE A 55 22.82 -10.75 -12.23
C ILE A 55 24.27 -10.40 -11.93
N VAL A 56 24.68 -10.47 -10.66
CA VAL A 56 26.06 -10.18 -10.27
C VAL A 56 27.06 -11.03 -11.04
N LYS A 57 26.68 -12.29 -11.28
CA LYS A 57 27.58 -13.24 -11.92
C LYS A 57 27.59 -13.08 -13.44
N ALA A 58 26.51 -12.52 -13.99
CA ALA A 58 26.44 -12.24 -15.42
C ALA A 58 27.33 -11.05 -15.76
N VAL A 59 27.48 -10.15 -14.80
CA VAL A 59 28.36 -9.00 -14.94
C VAL A 59 29.81 -9.43 -14.81
N ALA A 60 30.08 -10.32 -13.85
CA ALA A 60 31.41 -10.88 -13.72
C ALA A 60 31.78 -11.69 -14.96
N ARG A 61 30.78 -12.23 -15.66
CA ARG A 61 30.96 -13.01 -16.89
C ARG A 61 31.18 -12.12 -18.11
N VAL A 62 30.96 -10.82 -17.93
CA VAL A 62 31.22 -9.85 -18.98
C VAL A 62 32.58 -9.18 -18.74
N ALA A 63 32.99 -9.16 -17.47
CA ALA A 63 34.21 -8.46 -17.07
C ALA A 63 35.53 -9.23 -17.30
N GLU A 64 35.46 -10.55 -17.47
CA GLU A 64 36.68 -11.33 -17.70
C GLU A 64 36.88 -11.59 -19.20
N SER A 65 35.83 -11.34 -19.98
CA SER A 65 35.95 -11.33 -21.44
C SER A 65 36.36 -9.94 -21.91
N GLY A 68 34.17 -6.65 -24.36
CA GLY A 68 33.56 -7.00 -25.64
C GLY A 68 32.12 -6.56 -25.70
N ARG A 69 31.92 -5.26 -25.97
CA ARG A 69 30.60 -4.65 -26.05
C ARG A 69 29.80 -4.60 -24.75
N GLY A 70 30.41 -5.07 -23.66
CA GLY A 70 29.86 -4.93 -22.32
C GLY A 70 28.38 -5.19 -22.04
N ALA A 71 27.84 -4.44 -21.09
CA ALA A 71 26.47 -4.67 -20.61
C ALA A 71 25.74 -3.40 -20.24
N ILE A 72 24.43 -3.37 -20.47
CA ILE A 72 23.61 -2.26 -19.98
C ILE A 72 22.33 -2.74 -19.27
N ALA A 73 21.95 -2.05 -18.20
CA ALA A 73 20.66 -2.29 -17.54
C ALA A 73 19.51 -1.70 -18.36
N ARG A 74 18.37 -2.38 -18.36
CA ARG A 74 17.16 -1.85 -18.97
C ARG A 74 16.03 -1.88 -17.96
N GLY A 75 15.15 -0.87 -17.99
CA GLY A 75 13.99 -0.86 -17.12
C GLY A 75 12.76 -1.22 -17.92
N LEU A 76 11.75 -0.35 -17.89
CA LEU A 76 10.53 -0.56 -18.66
C LEU A 76 10.59 -0.02 -20.10
N GLY A 77 11.77 0.41 -20.53
CA GLY A 77 12.00 0.85 -21.90
C GLY A 77 11.20 2.06 -22.36
N ARG A 78 10.84 2.93 -21.43
CA ARG A 78 10.05 4.12 -21.75
C ARG A 78 10.91 5.23 -22.36
N SER A 79 12.22 5.09 -22.23
CA SER A 79 13.12 6.08 -22.79
C SER A 79 13.08 5.93 -24.31
N TYR A 80 12.90 7.04 -25.02
CA TYR A 80 12.77 7.01 -26.47
C TYR A 80 14.10 6.71 -27.19
N GLY A 81 15.21 7.06 -26.55
CA GLY A 81 16.51 6.95 -27.15
C GLY A 81 17.06 5.55 -27.20
N ASP A 82 18.38 5.48 -27.31
CA ASP A 82 19.09 4.21 -27.42
C ASP A 82 19.98 3.95 -26.20
N ASN A 83 19.57 4.46 -25.04
CA ASN A 83 20.33 4.25 -23.82
C ASN A 83 20.11 2.90 -23.10
N ALA A 84 19.00 2.24 -23.40
CA ALA A 84 18.70 0.94 -22.77
C ALA A 84 18.77 -0.21 -23.76
N GLN A 85 19.67 -0.07 -24.73
CA GLN A 85 19.98 -1.15 -25.66
C GLN A 85 21.47 -1.21 -25.88
N ASN A 86 21.97 -2.38 -26.23
CA ASN A 86 23.40 -2.55 -26.39
C ASN A 86 23.68 -3.57 -27.49
N GLY A 87 23.66 -3.11 -28.74
CA GLY A 87 23.91 -3.96 -29.91
C GLY A 87 24.99 -4.98 -29.76
N GLY A 88 24.65 -6.24 -30.01
CA GLY A 88 25.60 -7.33 -29.86
C GLY A 88 26.30 -7.36 -28.52
N GLY A 89 25.56 -7.02 -27.46
CA GLY A 89 26.08 -7.08 -26.11
C GLY A 89 25.04 -7.61 -25.14
N LEU A 90 25.31 -7.47 -23.85
CA LEU A 90 24.35 -7.91 -22.84
C LEU A 90 23.43 -6.76 -22.43
N VAL A 91 22.13 -7.01 -22.49
CA VAL A 91 21.12 -6.13 -21.89
C VAL A 91 20.40 -6.82 -20.73
N ILE A 92 20.55 -6.28 -19.53
CA ILE A 92 19.96 -6.88 -18.33
C ILE A 92 18.61 -6.28 -17.93
N ASP A 93 17.52 -7.01 -18.16
CA ASP A 93 16.20 -6.52 -17.76
C ASP A 93 16.06 -6.56 -16.25
N MET A 94 15.73 -5.42 -15.67
CA MET A 94 15.69 -5.24 -14.21
C MET A 94 14.28 -5.34 -13.61
N THR A 95 13.27 -5.35 -14.46
CA THR A 95 11.89 -5.39 -13.97
C THR A 95 11.51 -6.61 -13.09
N PRO A 96 12.14 -7.78 -13.29
CA PRO A 96 11.86 -8.85 -12.33
C PRO A 96 12.27 -8.52 -10.89
N LEU A 97 13.28 -7.67 -10.72
CA LEU A 97 13.73 -7.29 -9.40
C LEU A 97 12.89 -6.14 -8.87
N ASN A 98 11.66 -6.44 -8.47
CA ASN A 98 10.73 -5.38 -8.14
C ASN A 98 10.12 -5.54 -6.75
N THR A 99 10.96 -5.89 -5.78
CA THR A 99 10.54 -6.00 -4.40
C THR A 99 10.56 -4.66 -3.67
N ILE A 100 9.42 -4.27 -3.11
CA ILE A 100 9.34 -3.19 -2.14
C ILE A 100 9.69 -3.77 -0.78
N HIS A 101 10.82 -3.33 -0.22
CA HIS A 101 11.33 -3.87 1.04
C HIS A 101 10.68 -3.27 2.27
N SER A 102 10.56 -1.95 2.31
CA SER A 102 9.82 -1.31 3.39
C SER A 102 9.42 0.10 2.99
N ILE A 103 8.42 0.61 3.70
CA ILE A 103 7.99 1.99 3.62
C ILE A 103 7.79 2.43 5.07
N ASP A 104 8.19 3.65 5.41
CA ASP A 104 8.10 4.12 6.78
C ASP A 104 7.50 5.52 6.74
N ALA A 105 6.32 5.69 7.36
CA ALA A 105 5.65 6.98 7.37
C ALA A 105 6.36 8.02 8.24
N ASP A 106 7.21 7.54 9.14
CA ASP A 106 7.83 8.42 10.13
C ASP A 106 9.10 9.06 9.59
N THR A 107 9.96 8.24 8.98
CA THR A 107 11.16 8.71 8.32
C THR A 107 10.89 9.20 6.89
N LYS A 108 9.70 8.87 6.37
CA LYS A 108 9.30 9.14 4.99
C LYS A 108 10.13 8.37 3.98
N LEU A 109 10.85 7.35 4.45
CA LEU A 109 11.74 6.59 3.57
C LEU A 109 11.13 5.34 2.96
N VAL A 110 11.47 5.09 1.72
CA VAL A 110 11.03 3.91 1.02
C VAL A 110 12.30 3.19 0.55
N ASP A 111 12.32 1.87 0.66
CA ASP A 111 13.49 1.07 0.34
C ASP A 111 13.04 -0.01 -0.64
N ILE A 112 13.43 0.14 -1.90
CA ILE A 112 12.91 -0.75 -2.95
C ILE A 112 13.98 -1.17 -3.95
N ASP A 113 13.67 -2.24 -4.66
CA ASP A 113 14.51 -2.74 -5.71
C ASP A 113 14.41 -1.79 -6.91
N ALA A 114 15.46 -1.72 -7.71
CA ALA A 114 15.48 -0.83 -8.86
C ALA A 114 14.39 -1.16 -9.88
N GLY A 115 13.94 -2.40 -9.90
CA GLY A 115 12.90 -2.82 -10.80
C GLY A 115 11.49 -2.34 -10.49
N VAL A 116 11.26 -1.81 -9.30
CA VAL A 116 9.89 -1.34 -8.99
C VAL A 116 9.56 -0.08 -9.77
N ASN A 117 8.39 -0.06 -10.38
CA ASN A 117 7.99 1.09 -11.16
C ASN A 117 7.27 2.09 -10.27
N LEU A 118 7.07 3.31 -10.78
CA LEU A 118 6.55 4.38 -9.93
C LEU A 118 5.06 4.28 -9.71
N ASP A 119 4.35 3.55 -10.58
CA ASP A 119 2.92 3.38 -10.40
C ASP A 119 2.72 2.45 -9.20
N GLN A 120 3.45 1.36 -9.22
CA GLN A 120 3.49 0.39 -8.15
C GLN A 120 3.85 1.08 -6.84
N LEU A 121 4.95 1.83 -6.85
CA LEU A 121 5.40 2.54 -5.66
C LEU A 121 4.37 3.56 -5.18
N MET A 122 3.71 4.23 -6.12
CA MET A 122 2.71 5.23 -5.76
C MET A 122 1.56 4.61 -4.96
N LYS A 123 1.14 3.45 -5.42
CA LYS A 123 -0.01 2.77 -4.86
C LYS A 123 0.35 2.14 -3.50
N ALA A 124 1.56 1.62 -3.37
CA ALA A 124 1.99 1.09 -2.08
C ALA A 124 2.18 2.19 -1.04
N ALA A 125 2.51 3.41 -1.46
CA ALA A 125 2.92 4.42 -0.50
C ALA A 125 1.85 5.39 -0.06
N LEU A 126 0.77 5.51 -0.83
CA LEU A 126 -0.36 6.33 -0.43
C LEU A 126 -0.90 6.00 0.96
N PRO A 127 -1.15 4.71 1.24
CA PRO A 127 -1.68 4.36 2.57
C PRO A 127 -0.85 4.93 3.73
N PHE A 128 0.39 5.31 3.47
CA PHE A 128 1.23 5.83 4.53
C PHE A 128 1.19 7.36 4.54
N GLY A 129 0.36 7.95 3.68
CA GLY A 129 0.40 9.40 3.52
C GLY A 129 1.69 9.87 2.88
N LEU A 130 2.26 9.05 2.00
CA LEU A 130 3.50 9.38 1.30
C LEU A 130 3.29 9.57 -0.22
N TRP A 131 3.87 10.63 -0.76
CA TRP A 131 3.75 10.95 -2.20
C TRP A 131 5.11 10.82 -2.89
N VAL A 132 5.14 10.15 -4.05
CA VAL A 132 6.33 10.05 -4.89
C VAL A 132 6.76 11.48 -5.27
N PRO A 133 8.00 11.84 -4.90
CA PRO A 133 8.40 13.26 -4.89
C PRO A 133 8.54 13.89 -6.28
N VAL A 134 8.69 13.05 -7.30
CA VAL A 134 8.82 13.50 -8.69
C VAL A 134 8.11 12.49 -9.57
N LEU A 135 6.98 12.90 -10.15
CA LEU A 135 6.29 12.03 -11.11
C LEU A 135 6.44 12.57 -12.55
N PRO A 136 6.90 11.69 -13.45
CA PRO A 136 6.99 11.98 -14.88
C PRO A 136 5.60 11.75 -15.52
N GLY A 137 5.47 11.96 -16.82
CA GLY A 137 4.17 11.87 -17.47
C GLY A 137 3.57 10.48 -17.59
N THR A 138 4.40 9.46 -17.47
CA THR A 138 3.91 8.09 -17.44
C THR A 138 4.49 7.46 -16.18
N ARG A 139 3.69 6.67 -15.47
CA ARG A 139 4.19 6.10 -14.22
C ARG A 139 4.83 4.75 -14.49
N GLN A 140 4.84 4.35 -15.75
CA GLN A 140 5.45 3.10 -16.14
C GLN A 140 6.94 3.26 -16.37
N VAL A 141 7.63 3.79 -15.37
CA VAL A 141 9.08 3.86 -15.41
C VAL A 141 9.65 3.27 -14.13
N THR A 142 10.78 2.57 -14.23
CA THR A 142 11.35 1.93 -13.06
C THR A 142 12.08 2.96 -12.20
N VAL A 143 12.50 2.55 -11.01
CA VAL A 143 13.24 3.44 -10.15
C VAL A 143 14.63 3.60 -10.74
N GLY A 144 15.18 2.51 -11.27
CA GLY A 144 16.48 2.56 -11.90
C GLY A 144 16.50 3.58 -13.03
N GLY A 145 15.49 3.49 -13.92
CA GLY A 145 15.31 4.42 -15.02
C GLY A 145 15.06 5.85 -14.58
N ALA A 146 14.39 6.01 -13.45
CA ALA A 146 14.11 7.34 -12.94
C ALA A 146 15.40 7.98 -12.46
N ILE A 147 16.25 7.17 -11.84
CA ILE A 147 17.53 7.70 -11.36
C ILE A 147 18.55 7.95 -12.49
N ALA A 148 18.66 6.99 -13.39
CA ALA A 148 19.66 7.02 -14.44
C ALA A 148 19.39 8.10 -15.47
N CYS A 149 18.14 8.51 -15.63
CA CYS A 149 17.86 9.67 -16.48
C CYS A 149 17.57 10.91 -15.64
N ASP A 150 17.64 10.77 -14.32
CA ASP A 150 17.38 11.89 -13.40
C ASP A 150 16.12 12.68 -13.81
N ILE A 151 15.02 11.94 -13.92
CA ILE A 151 13.79 12.46 -14.52
C ILE A 151 13.24 13.67 -13.78
N HIS A 152 12.45 14.47 -14.49
CA HIS A 152 11.84 15.64 -13.88
C HIS A 152 10.34 15.50 -14.05
N GLY A 153 9.60 16.35 -13.40
CA GLY A 153 8.17 16.38 -13.62
C GLY A 153 7.62 17.78 -13.48
N LYS A 154 6.31 17.82 -13.36
CA LYS A 154 5.54 19.05 -13.30
C LYS A 154 5.94 19.94 -12.12
N ASN A 155 6.62 19.36 -11.14
CA ASN A 155 7.02 20.14 -9.97
C ASN A 155 8.51 20.42 -9.85
N HIS A 156 9.22 20.35 -10.98
CA HIS A 156 10.67 20.54 -10.94
C HIS A 156 11.12 21.85 -10.29
N HIS A 157 10.38 22.92 -10.50
CA HIS A 157 10.82 24.23 -10.01
C HIS A 157 10.68 24.32 -8.51
N SER A 158 9.93 23.39 -7.91
CA SER A 158 9.79 23.38 -6.45
C SER A 158 10.46 22.16 -5.77
N ALA A 159 10.63 21.06 -6.51
CA ALA A 159 11.17 19.83 -5.91
C ALA A 159 12.48 19.29 -6.53
N GLY A 160 12.90 19.87 -7.65
CA GLY A 160 14.06 19.35 -8.35
C GLY A 160 13.70 18.10 -9.12
N SER A 161 14.71 17.32 -9.47
CA SER A 161 14.50 16.10 -10.25
C SER A 161 14.68 14.89 -9.36
N PHE A 162 14.59 13.69 -9.92
CA PHE A 162 14.50 12.49 -9.11
C PHE A 162 15.72 12.30 -8.21
N GLY A 163 16.90 12.59 -8.76
CA GLY A 163 18.12 12.42 -7.98
C GLY A 163 18.14 13.21 -6.67
N ASN A 164 17.48 14.37 -6.60
CA ASN A 164 17.46 15.13 -5.33
C ASN A 164 16.84 14.39 -4.15
N HIS A 165 16.10 13.32 -4.42
CA HIS A 165 15.35 12.64 -3.38
C HIS A 165 15.89 11.27 -3.04
N VAL A 166 16.96 10.87 -3.71
CA VAL A 166 17.58 9.59 -3.46
C VAL A 166 18.51 9.80 -2.27
N ARG A 167 18.33 9.02 -1.22
CA ARG A 167 19.15 9.14 -0.01
C ARG A 167 20.26 8.09 0.03
N SER A 168 20.09 7.04 -0.76
CA SER A 168 21.14 6.04 -0.88
C SER A 168 20.85 5.18 -2.09
N MET A 169 21.86 4.50 -2.61
CA MET A 169 21.64 3.45 -3.59
C MET A 169 22.76 2.41 -3.56
N ASP A 170 22.44 1.21 -4.01
CA ASP A 170 23.41 0.16 -4.10
C ASP A 170 23.73 -0.05 -5.57
N LEU A 171 24.98 0.17 -5.91
CA LEU A 171 25.41 0.13 -7.29
C LEU A 171 26.35 -1.06 -7.55
N LEU A 172 25.92 -1.93 -8.45
CA LEU A 172 26.74 -3.04 -8.90
C LEU A 172 27.79 -2.54 -9.90
N THR A 173 29.03 -2.41 -9.44
CA THR A 173 30.10 -1.90 -10.29
C THR A 173 30.79 -2.99 -11.15
N ALA A 174 31.71 -2.56 -12.02
CA ALA A 174 32.41 -3.47 -12.94
C ALA A 174 33.18 -4.59 -12.24
N ASP A 175 33.79 -4.25 -11.10
CA ASP A 175 34.53 -5.20 -10.27
C ASP A 175 33.66 -6.23 -9.53
N GLY A 176 32.39 -6.36 -9.89
CA GLY A 176 31.50 -7.31 -9.24
C GLY A 176 31.05 -6.93 -7.83
N GLU A 177 31.59 -5.84 -7.29
CA GLU A 177 31.20 -5.36 -5.97
C GLU A 177 29.93 -4.48 -5.97
N ILE A 178 29.20 -4.50 -4.86
CA ILE A 178 28.06 -3.64 -4.66
C ILE A 178 28.43 -2.48 -3.73
N ARG A 179 28.41 -1.26 -4.27
CA ARG A 179 28.77 -0.08 -3.51
C ARG A 179 27.55 0.68 -3.01
N HIS A 180 27.58 1.05 -1.74
CA HIS A 180 26.48 1.75 -1.13
C HIS A 180 26.76 3.24 -1.20
N LEU A 181 26.10 3.93 -2.13
CA LEU A 181 26.35 5.33 -2.35
C LEU A 181 25.34 6.21 -1.62
N THR A 182 25.82 7.32 -1.07
CA THR A 182 24.98 8.37 -0.52
C THR A 182 25.30 9.73 -1.17
N PRO A 183 24.35 10.69 -1.12
CA PRO A 183 24.55 12.02 -1.71
C PRO A 183 25.73 12.80 -1.14
N THR A 184 25.94 12.66 0.18
CA THR A 184 26.98 13.44 0.87
C THR A 184 28.08 12.60 1.49
N GLY A 185 28.06 11.30 1.22
CA GLY A 185 29.10 10.42 1.73
C GLY A 185 30.47 10.67 1.09
N GLU A 186 31.37 9.72 1.26
CA GLU A 186 32.70 9.85 0.69
C GLU A 186 32.67 9.25 -0.70
N ASP A 187 31.50 8.75 -1.09
CA ASP A 187 31.31 8.22 -2.42
C ASP A 187 30.36 9.13 -3.23
N ALA A 188 30.15 10.34 -2.71
CA ALA A 188 29.28 11.35 -3.32
C ALA A 188 29.46 11.49 -4.84
N GLU A 189 30.70 11.43 -5.27
CA GLU A 189 31.04 11.72 -6.67
C GLU A 189 30.49 10.66 -7.60
N LEU A 190 30.62 9.40 -7.22
CA LEU A 190 30.08 8.31 -8.01
C LEU A 190 28.54 8.25 -7.90
N PHE A 191 28.01 8.73 -6.77
CA PHE A 191 26.56 8.83 -6.59
C PHE A 191 26.01 9.81 -7.62
N TRP A 192 26.61 10.99 -7.67
CA TRP A 192 26.16 12.03 -8.58
C TRP A 192 26.57 11.81 -10.03
N ALA A 193 27.34 10.77 -10.28
CA ALA A 193 27.67 10.42 -11.65
C ALA A 193 26.66 9.40 -12.11
N THR A 194 26.15 8.64 -11.16
CA THR A 194 25.18 7.62 -11.44
C THR A 194 23.83 8.28 -11.73
N VAL A 195 23.48 9.28 -10.93
CA VAL A 195 22.33 10.13 -11.21
C VAL A 195 22.50 10.73 -12.57
N GLY A 196 21.59 10.40 -13.49
CA GLY A 196 21.65 10.95 -14.83
C GLY A 196 22.72 10.30 -15.67
N GLY A 197 23.29 9.20 -15.17
CA GLY A 197 24.39 8.53 -15.82
C GLY A 197 24.00 7.51 -16.86
N ASN A 198 22.71 7.41 -17.17
CA ASN A 198 22.20 6.48 -18.18
C ASN A 198 22.77 5.07 -18.06
N GLY A 199 22.98 4.64 -16.82
CA GLY A 199 23.39 3.29 -16.51
C GLY A 199 24.85 2.98 -16.74
N LEU A 200 25.64 3.99 -17.05
CA LEU A 200 27.04 3.78 -17.43
C LEU A 200 28.03 3.77 -16.26
N THR A 201 27.52 3.68 -15.04
CA THR A 201 28.40 3.51 -13.88
C THR A 201 28.19 2.13 -13.28
N GLY A 202 27.26 1.39 -13.86
CA GLY A 202 26.90 0.09 -13.33
C GLY A 202 25.41 -0.06 -13.05
N ILE A 203 25.04 -1.15 -12.39
CA ILE A 203 23.62 -1.45 -12.19
C ILE A 203 23.15 -1.02 -10.81
N ILE A 204 22.13 -0.17 -10.78
CA ILE A 204 21.50 0.18 -9.52
C ILE A 204 20.62 -0.98 -9.13
N MET A 205 20.90 -1.61 -7.99
CA MET A 205 20.17 -2.80 -7.60
C MET A 205 18.98 -2.42 -6.74
N ARG A 206 19.16 -1.35 -5.98
CA ARG A 206 18.28 -1.06 -4.88
C ARG A 206 18.57 0.37 -4.44
N ALA A 207 17.54 1.08 -3.99
CA ALA A 207 17.75 2.43 -3.52
C ALA A 207 16.84 2.78 -2.35
N THR A 208 17.15 3.90 -1.70
CA THR A 208 16.28 4.44 -0.67
C THR A 208 15.88 5.84 -1.10
N ILE A 209 14.58 6.05 -1.26
CA ILE A 209 14.03 7.35 -1.64
C ILE A 209 13.36 7.99 -0.43
N GLU A 210 13.56 9.31 -0.24
CA GLU A 210 12.74 10.06 0.71
C GLU A 210 11.51 10.64 0.01
N MET A 211 10.34 10.25 0.49
CA MET A 211 9.07 10.61 -0.15
C MET A 211 8.58 11.96 0.36
N THR A 212 7.48 12.44 -0.22
CA THR A 212 6.89 13.70 0.19
C THR A 212 5.61 13.44 0.96
N PRO A 213 5.48 14.01 2.16
CA PRO A 213 4.25 13.71 2.92
C PRO A 213 3.06 14.39 2.28
N THR A 214 1.95 13.67 2.22
CA THR A 214 0.68 14.20 1.73
C THR A 214 -0.45 13.65 2.63
N SER A 215 -1.51 14.43 2.75
CA SER A 215 -2.69 13.99 3.48
C SER A 215 -3.80 13.56 2.52
N THR A 216 -3.63 13.82 1.22
CA THR A 216 -4.59 13.36 0.21
C THR A 216 -3.91 12.87 -1.07
N ALA A 217 -4.70 12.26 -1.96
CA ALA A 217 -4.25 11.87 -3.30
C ALA A 217 -4.75 12.87 -4.35
N TYR A 218 -5.03 14.10 -3.92
CA TYR A 218 -5.73 15.06 -4.75
C TYR A 218 -4.96 16.33 -4.92
N PHE A 219 -5.25 17.03 -6.01
CA PHE A 219 -4.65 18.32 -6.29
C PHE A 219 -5.70 19.41 -6.25
N ILE A 220 -5.30 20.58 -5.78
CA ILE A 220 -6.12 21.74 -5.99
C ILE A 220 -5.47 22.61 -7.08
N ALA A 221 -6.12 22.66 -8.24
CA ALA A 221 -5.53 23.28 -9.43
C ALA A 221 -6.15 24.62 -9.87
N ASP A 222 -5.30 25.57 -10.27
CA ASP A 222 -5.73 26.81 -10.91
C ASP A 222 -5.42 26.72 -12.40
N GLY A 223 -6.35 27.18 -13.23
CA GLY A 223 -6.20 27.13 -14.67
C GLY A 223 -6.12 28.52 -15.26
N ASP A 224 -5.33 28.67 -16.32
CA ASP A 224 -5.12 29.97 -16.93
C ASP A 224 -4.89 29.77 -18.42
N VAL A 225 -5.31 30.73 -19.22
CA VAL A 225 -5.08 30.66 -20.65
C VAL A 225 -4.41 31.96 -21.10
N THR A 226 -3.53 31.86 -22.10
CA THR A 226 -2.84 33.01 -22.66
C THR A 226 -3.18 33.07 -24.14
N ALA A 227 -2.94 34.22 -24.75
CA ALA A 227 -3.24 34.40 -26.17
C ALA A 227 -1.99 34.54 -27.04
N SER A 228 -0.83 34.65 -26.40
CA SER A 228 0.41 34.90 -27.13
C SER A 228 1.60 34.30 -26.39
N LEU A 229 2.67 34.03 -27.12
CA LEU A 229 3.92 33.58 -26.52
C LEU A 229 4.42 34.58 -25.50
N ASP A 230 4.21 35.87 -25.76
CA ASP A 230 4.68 36.90 -24.83
C ASP A 230 3.90 36.85 -23.55
N GLU A 231 2.60 36.53 -23.64
CA GLU A 231 1.76 36.41 -22.45
C GLU A 231 2.21 35.24 -21.57
N THR A 232 2.40 34.09 -22.22
CA THR A 232 2.95 32.90 -21.59
C THR A 232 4.24 33.18 -20.79
N ILE A 233 5.23 33.81 -21.41
CA ILE A 233 6.47 34.16 -20.72
C ILE A 233 6.21 35.07 -19.53
N ALA A 234 5.30 36.03 -19.71
CA ALA A 234 4.93 36.99 -18.66
C ALA A 234 4.40 36.29 -17.43
N LEU A 235 3.44 35.40 -17.67
CA LEU A 235 2.79 34.60 -16.64
C LEU A 235 3.79 33.79 -15.83
N HIS A 236 4.85 33.35 -16.51
CA HIS A 236 5.84 32.50 -15.87
C HIS A 236 6.97 33.29 -15.22
N SER A 237 6.98 34.60 -15.44
CA SER A 237 8.01 35.43 -14.82
C SER A 237 7.44 36.54 -13.94
N ASP A 238 6.14 36.45 -13.62
CA ASP A 238 5.51 37.46 -12.77
C ASP A 238 5.53 37.15 -11.29
N GLY A 239 6.12 36.01 -10.92
CA GLY A 239 6.18 35.60 -9.53
C GLY A 239 5.06 34.67 -9.08
N SER A 240 4.05 34.46 -9.94
CA SER A 240 2.93 33.60 -9.58
C SER A 240 3.37 32.15 -9.44
N GLU A 241 4.34 31.77 -10.24
CA GLU A 241 4.92 30.43 -10.21
C GLU A 241 5.34 29.97 -8.78
N ALA A 242 5.74 30.90 -7.92
CA ALA A 242 6.16 30.55 -6.55
C ALA A 242 5.00 30.17 -5.62
N ARG A 243 3.77 30.32 -6.12
CA ARG A 243 2.58 29.99 -5.34
C ARG A 243 2.14 28.56 -5.62
N TYR A 244 2.69 27.99 -6.68
CA TYR A 244 2.33 26.64 -7.06
C TYR A 244 3.52 25.70 -6.97
N THR A 245 3.31 24.50 -6.46
CA THR A 245 4.37 23.51 -6.42
C THR A 245 4.46 22.76 -7.75
N TYR A 246 3.33 22.65 -8.45
CA TYR A 246 3.24 21.94 -9.72
C TYR A 246 2.81 22.93 -10.79
N SER A 247 3.38 22.84 -11.97
CA SER A 247 3.06 23.78 -13.05
C SER A 247 3.56 23.30 -14.40
N SER A 248 2.69 23.33 -15.41
CA SER A 248 3.05 23.03 -16.78
C SER A 248 1.98 23.56 -17.72
N ALA A 249 2.26 23.60 -19.03
CA ALA A 249 1.29 24.16 -19.96
C ALA A 249 1.22 23.43 -21.29
N TRP A 250 0.04 23.35 -21.89
CA TRP A 250 -0.06 22.98 -23.30
C TRP A 250 0.16 24.25 -24.11
N PHE A 251 0.81 24.13 -25.25
CA PHE A 251 1.46 25.27 -25.86
C PHE A 251 1.27 25.21 -27.37
N ASP A 252 0.75 26.29 -27.99
CA ASP A 252 0.52 26.31 -29.45
C ASP A 252 1.83 26.55 -30.22
N ALA A 253 2.23 25.56 -31.02
CA ALA A 253 3.45 25.64 -31.83
C ALA A 253 3.17 25.64 -33.35
N ILE A 254 1.91 25.91 -33.71
CA ILE A 254 1.50 25.89 -35.11
C ILE A 254 0.95 27.24 -35.62
N SER A 255 0.09 27.88 -34.84
CA SER A 255 -0.43 29.19 -35.18
C SER A 255 0.66 30.25 -35.34
N ALA A 256 0.54 31.08 -36.38
CA ALA A 256 1.52 32.13 -36.63
C ALA A 256 1.40 33.23 -35.56
N PRO A 257 2.48 33.98 -35.35
CA PRO A 257 2.47 35.06 -34.36
C PRO A 257 1.37 36.08 -34.63
N PRO A 258 0.95 36.83 -33.58
CA PRO A 258 1.39 36.63 -32.18
C PRO A 258 0.56 35.61 -31.41
N LYS A 259 -0.21 34.79 -32.13
CA LYS A 259 -0.98 33.71 -31.51
C LYS A 259 -0.05 32.52 -31.17
N LEU A 260 1.08 32.43 -31.86
CA LEU A 260 2.08 31.41 -31.56
C LEU A 260 2.50 31.51 -30.10
N GLY A 261 2.47 30.37 -29.40
CA GLY A 261 2.97 30.31 -28.04
C GLY A 261 1.93 30.62 -26.98
N ARG A 262 0.68 30.73 -27.39
CA ARG A 262 -0.41 30.86 -26.45
C ARG A 262 -0.50 29.52 -25.78
N ALA A 263 -0.93 29.51 -24.53
CA ALA A 263 -0.88 28.28 -23.75
C ALA A 263 -2.09 28.08 -22.84
N ALA A 264 -2.44 26.81 -22.62
CA ALA A 264 -3.34 26.44 -21.53
C ALA A 264 -2.51 26.03 -20.32
N VAL A 265 -2.36 26.94 -19.37
CA VAL A 265 -1.56 26.70 -18.16
C VAL A 265 -2.31 26.03 -16.98
N SER A 266 -1.85 24.87 -16.56
CA SER A 266 -2.44 24.16 -15.42
C SER A 266 -1.48 24.14 -14.24
N ARG A 267 -1.80 24.84 -13.16
CA ARG A 267 -0.91 24.88 -11.99
C ARG A 267 -1.62 24.48 -10.71
N GLY A 268 -0.87 24.01 -9.72
CA GLY A 268 -1.51 23.54 -8.52
C GLY A 268 -0.63 23.07 -7.39
N ARG A 269 -1.25 22.33 -6.49
CA ARG A 269 -0.61 21.83 -5.30
C ARG A 269 -1.45 20.69 -4.72
N LEU A 270 -0.81 19.81 -3.97
CA LEU A 270 -1.53 18.72 -3.30
C LEU A 270 -2.53 19.31 -2.32
N ALA A 271 -3.72 18.73 -2.30
CA ALA A 271 -4.77 19.23 -1.42
C ALA A 271 -4.66 18.59 -0.03
N THR A 272 -5.00 19.36 0.99
CA THR A 272 -5.14 18.83 2.35
C THR A 272 -6.55 18.27 2.48
N VAL A 273 -6.80 17.54 3.57
CA VAL A 273 -8.11 16.93 3.78
C VAL A 273 -9.23 17.96 3.95
N GLU A 274 -8.93 19.02 4.70
CA GLU A 274 -9.90 20.09 4.92
C GLU A 274 -10.31 20.86 3.63
N GLN A 275 -9.73 20.51 2.49
CA GLN A 275 -10.05 21.19 1.23
C GLN A 275 -10.80 20.29 0.26
N LEU A 276 -11.01 19.05 0.68
CA LEU A 276 -11.75 18.10 -0.12
C LEU A 276 -13.25 18.30 0.06
N PRO A 277 -14.01 18.01 -0.99
CA PRO A 277 -15.46 17.90 -0.80
C PRO A 277 -15.75 16.77 0.19
N ALA A 278 -16.76 16.96 1.03
CA ALA A 278 -17.05 16.04 2.13
C ALA A 278 -17.28 14.58 1.71
N LYS A 279 -17.59 14.36 0.44
CA LYS A 279 -17.78 13.00 -0.08
C LYS A 279 -16.47 12.24 -0.13
N LEU A 280 -15.36 12.98 -0.11
CA LEU A 280 -14.02 12.43 -0.35
C LEU A 280 -13.16 12.42 0.91
N ARG A 281 -13.52 13.29 1.84
CA ARG A 281 -12.85 13.46 3.12
C ARG A 281 -12.85 12.18 3.97
N SER A 282 -13.78 11.27 3.66
CA SER A 282 -13.82 9.96 4.28
C SER A 282 -12.64 9.10 3.82
N GLU A 283 -12.30 9.23 2.54
CA GLU A 283 -11.28 8.42 1.88
C GLU A 283 -10.32 9.31 1.11
N PRO A 284 -9.47 10.07 1.83
CA PRO A 284 -8.70 11.13 1.16
C PRO A 284 -7.50 10.63 0.33
N LEU A 285 -7.01 9.43 0.63
CA LEU A 285 -5.80 8.89 0.01
C LEU A 285 -6.14 7.80 -1.00
N LYS A 286 -7.38 7.76 -1.44
CA LYS A 286 -7.84 6.82 -2.44
C LYS A 286 -7.32 7.14 -3.83
N PHE A 287 -6.99 6.12 -4.60
CA PHE A 287 -6.65 6.33 -6.00
C PHE A 287 -7.52 5.54 -7.00
N ASP A 288 -8.35 6.28 -7.74
CA ASP A 288 -9.06 5.84 -8.96
C ASP A 288 -10.15 6.86 -9.31
N ALA A 304 -14.71 18.03 -32.18
CA ALA A 304 -14.35 19.02 -33.19
C ALA A 304 -15.51 19.29 -34.14
N ASN A 305 -16.30 20.32 -33.83
CA ASN A 305 -17.45 20.72 -34.65
C ASN A 305 -17.22 22.07 -35.34
N LYS A 306 -18.28 22.58 -35.97
CA LYS A 306 -18.22 23.80 -36.78
C LYS A 306 -17.77 25.04 -36.01
N TYR A 307 -17.92 25.01 -34.70
CA TYR A 307 -17.59 26.16 -33.86
C TYR A 307 -16.15 26.15 -33.41
N THR A 308 -15.55 24.96 -33.42
CA THR A 308 -14.28 24.73 -32.72
C THR A 308 -13.21 25.75 -33.08
N PHE A 309 -13.23 26.20 -34.33
CA PHE A 309 -12.19 27.11 -34.79
C PHE A 309 -12.70 28.56 -34.93
N GLY A 310 -13.97 28.77 -34.63
CA GLY A 310 -14.53 30.11 -34.67
C GLY A 310 -14.41 30.83 -33.33
N PRO A 311 -14.90 32.08 -33.30
CA PRO A 311 -14.90 32.92 -32.09
C PRO A 311 -15.62 32.28 -30.90
N ILE A 312 -16.64 31.45 -31.13
CA ILE A 312 -17.30 30.75 -30.03
C ILE A 312 -16.42 29.62 -29.48
N GLY A 313 -15.66 28.98 -30.36
CA GLY A 313 -14.68 27.98 -29.97
C GLY A 313 -13.59 28.58 -29.12
N GLU A 314 -13.07 29.72 -29.54
CA GLU A 314 -12.03 30.42 -28.78
C GLU A 314 -12.55 30.79 -27.39
N LEU A 315 -13.81 31.23 -27.35
CA LEU A 315 -14.47 31.58 -26.08
C LEU A 315 -14.61 30.37 -25.15
N TRP A 316 -15.08 29.24 -25.69
CA TRP A 316 -15.23 28.00 -24.92
C TRP A 316 -13.89 27.61 -24.31
N TYR A 317 -12.88 27.51 -25.17
CA TYR A 317 -11.53 27.13 -24.77
C TYR A 317 -10.92 28.04 -23.68
N ARG A 318 -11.22 29.34 -23.71
CA ARG A 318 -10.82 30.26 -22.64
C ARG A 318 -11.61 30.00 -21.35
N LYS A 319 -12.93 29.84 -21.49
CA LYS A 319 -13.78 29.59 -20.33
C LYS A 319 -13.34 28.27 -19.69
N SER A 320 -13.51 27.18 -20.43
CA SER A 320 -13.03 25.88 -20.04
C SER A 320 -11.62 25.86 -19.41
N GLY A 321 -10.68 26.60 -19.97
CA GLY A 321 -9.30 26.56 -19.48
C GLY A 321 -8.96 27.55 -18.39
N THR A 322 -9.95 28.35 -17.96
CA THR A 322 -9.77 29.30 -16.86
C THR A 322 -10.57 28.91 -15.61
N TYR A 323 -9.91 28.83 -14.46
CA TYR A 323 -10.56 28.38 -13.23
C TYR A 323 -9.67 28.55 -12.01
N ARG A 324 -10.27 28.37 -10.84
CA ARG A 324 -9.56 28.51 -9.59
C ARG A 324 -9.98 27.41 -8.62
N GLY A 325 -9.05 26.98 -7.79
CA GLY A 325 -9.29 25.97 -6.78
C GLY A 325 -10.04 24.72 -7.22
N LYS A 326 -9.87 24.29 -8.46
CA LYS A 326 -10.53 23.06 -8.87
C LYS A 326 -9.84 21.85 -8.27
N VAL A 327 -10.60 20.99 -7.61
CA VAL A 327 -10.01 19.78 -7.06
C VAL A 327 -10.00 18.66 -8.11
N GLN A 328 -8.82 18.08 -8.28
CA GLN A 328 -8.63 17.01 -9.26
C GLN A 328 -7.76 15.92 -8.66
N ASN A 329 -8.06 14.67 -8.99
CA ASN A 329 -7.22 13.55 -8.63
C ASN A 329 -6.01 13.57 -9.54
N LEU A 330 -5.17 12.55 -9.45
CA LEU A 330 -3.94 12.51 -10.21
C LEU A 330 -4.18 12.46 -11.72
N THR A 331 -5.10 11.58 -12.14
CA THR A 331 -5.42 11.41 -13.56
C THR A 331 -5.91 12.71 -14.24
N GLN A 332 -6.83 13.41 -13.57
CA GLN A 332 -7.38 14.65 -14.10
C GLN A 332 -6.32 15.74 -14.27
N PHE A 333 -5.43 15.84 -13.29
CA PHE A 333 -4.46 16.92 -13.21
C PHE A 333 -3.23 16.61 -14.05
N TYR A 334 -3.08 15.34 -14.47
CA TYR A 334 -1.97 14.94 -15.34
C TYR A 334 -2.37 14.57 -16.80
N HIS A 335 -3.68 14.41 -17.04
CA HIS A 335 -4.27 14.04 -18.35
C HIS A 335 -3.44 13.10 -19.25
N GLY A 351 7.05 6.73 -36.25
CA GLY A 351 5.86 7.56 -36.41
C GLY A 351 6.13 9.04 -36.16
N PHE A 352 6.68 9.33 -35.00
CA PHE A 352 6.94 10.69 -34.56
C PHE A 352 8.35 10.83 -34.03
N LEU A 353 8.84 12.06 -33.98
CA LEU A 353 10.13 12.34 -33.38
C LEU A 353 9.90 13.28 -32.23
N GLN A 354 10.19 12.77 -31.05
CA GLN A 354 10.00 13.48 -29.81
C GLN A 354 11.28 14.26 -29.56
N TYR A 355 11.13 15.56 -29.40
CA TYR A 355 12.27 16.45 -29.28
C TYR A 355 12.05 17.34 -28.07
N GLN A 356 13.02 17.33 -27.16
CA GLN A 356 12.91 18.12 -25.94
C GLN A 356 14.23 18.85 -25.66
N PHE A 357 14.12 20.14 -25.31
CA PHE A 357 15.29 20.93 -24.96
C PHE A 357 14.91 21.91 -23.89
N VAL A 358 15.92 22.52 -23.26
CA VAL A 358 15.72 23.61 -22.31
C VAL A 358 16.71 24.71 -22.63
N ILE A 359 16.25 25.96 -22.51
CA ILE A 359 17.05 27.14 -22.80
C ILE A 359 17.18 27.92 -21.51
N PRO A 360 18.42 28.33 -21.17
CA PRO A 360 18.59 28.99 -19.88
C PRO A 360 17.64 30.18 -19.70
N THR A 361 17.20 30.39 -18.47
CA THR A 361 16.18 31.38 -18.13
C THR A 361 16.40 32.75 -18.74
N GLU A 362 17.62 33.28 -18.60
CA GLU A 362 17.97 34.62 -19.08
C GLU A 362 17.89 34.76 -20.60
N ALA A 363 18.18 33.70 -21.34
CA ALA A 363 18.14 33.75 -22.80
C ALA A 363 16.70 33.65 -23.32
N VAL A 364 15.83 34.49 -22.78
CA VAL A 364 14.42 34.42 -23.12
C VAL A 364 14.14 34.78 -24.58
N ASP A 365 14.80 35.83 -25.07
CA ASP A 365 14.60 36.23 -26.46
C ASP A 365 15.02 35.14 -27.47
N GLU A 366 16.02 34.36 -27.08
CA GLU A 366 16.50 33.26 -27.88
C GLU A 366 15.48 32.14 -27.87
N PHE A 367 14.88 31.92 -26.70
CA PHE A 367 13.82 30.94 -26.59
C PHE A 367 12.67 31.28 -27.53
N LYS A 368 12.25 32.54 -27.52
CA LYS A 368 11.19 32.99 -28.44
C LYS A 368 11.57 32.71 -29.89
N LYS A 369 12.82 33.04 -30.24
CA LYS A 369 13.34 32.84 -31.58
C LYS A 369 13.19 31.39 -32.04
N ILE A 370 13.60 30.46 -31.19
CA ILE A 370 13.51 29.03 -31.50
C ILE A 370 12.07 28.58 -31.75
N ILE A 371 11.14 29.08 -30.95
CA ILE A 371 9.74 28.78 -31.14
C ILE A 371 9.27 29.26 -32.52
N GLY A 372 9.60 30.51 -32.84
CA GLY A 372 9.34 31.04 -34.16
C GLY A 372 9.91 30.20 -35.31
N VAL A 373 11.14 29.73 -35.14
CA VAL A 373 11.75 28.87 -36.14
C VAL A 373 10.94 27.60 -36.31
N ILE A 374 10.53 27.01 -35.18
CA ILE A 374 9.71 25.80 -35.20
C ILE A 374 8.40 25.93 -35.98
N GLN A 375 7.59 26.94 -35.69
CA GLN A 375 6.29 27.01 -36.37
C GLN A 375 6.41 27.31 -37.87
N ALA A 376 7.38 28.14 -38.23
CA ALA A 376 7.65 28.50 -39.62
C ALA A 376 8.37 27.40 -40.41
N SER A 377 8.79 26.34 -39.72
CA SER A 377 9.52 25.25 -40.35
C SER A 377 8.65 24.35 -41.21
N GLY A 378 7.33 24.48 -41.09
CA GLY A 378 6.43 23.59 -41.82
C GLY A 378 6.26 22.23 -41.16
N HIS A 379 6.90 22.05 -40.01
CA HIS A 379 6.74 20.84 -39.23
C HIS A 379 5.79 21.15 -38.09
N TYR A 380 4.64 20.48 -38.09
CA TYR A 380 3.57 20.83 -37.17
C TYR A 380 3.51 19.91 -35.94
N SER A 381 3.50 20.50 -34.76
CA SER A 381 3.42 19.73 -33.52
C SER A 381 2.19 20.14 -32.70
N PHE A 382 1.31 19.18 -32.45
CA PHE A 382 0.09 19.47 -31.69
C PHE A 382 0.29 19.26 -30.17
N LEU A 383 1.01 18.21 -29.81
CA LEU A 383 1.28 17.92 -28.40
C LEU A 383 2.55 18.61 -27.89
N ASN A 384 2.40 19.78 -27.28
CA ASN A 384 3.56 20.55 -26.82
C ASN A 384 3.48 20.92 -25.36
N VAL A 385 4.36 20.34 -24.55
CA VAL A 385 4.40 20.64 -23.13
C VAL A 385 5.50 21.65 -22.76
N PHE A 386 5.08 22.77 -22.20
CA PHE A 386 5.97 23.81 -21.74
C PHE A 386 6.05 23.88 -20.20
N LYS A 387 7.23 24.14 -19.65
CA LYS A 387 7.37 24.41 -18.23
C LYS A 387 8.68 25.15 -17.96
N LEU A 388 8.71 25.94 -16.89
CA LEU A 388 9.92 26.61 -16.47
C LEU A 388 10.59 25.80 -15.36
N PHE A 389 11.76 25.22 -15.65
CA PHE A 389 12.55 24.50 -14.65
C PHE A 389 13.07 25.43 -13.57
N GLY A 390 13.37 24.87 -12.40
CA GLY A 390 14.00 25.62 -11.32
C GLY A 390 15.46 25.23 -11.19
N PRO A 391 16.06 25.48 -10.03
CA PRO A 391 17.47 25.18 -9.78
C PRO A 391 17.86 23.76 -10.21
N ARG A 392 19.10 23.56 -10.68
CA ARG A 392 19.60 22.25 -11.06
C ARG A 392 20.26 21.58 -9.87
N ASN A 393 20.76 20.37 -10.08
CA ASN A 393 21.40 19.61 -9.01
C ASN A 393 22.88 19.36 -9.36
N GLN A 394 23.61 18.64 -8.52
CA GLN A 394 25.05 18.51 -8.74
C GLN A 394 25.45 17.35 -9.66
N ALA A 395 24.47 16.74 -10.32
CA ALA A 395 24.80 15.65 -11.27
C ALA A 395 25.35 16.22 -12.59
N PRO A 396 26.62 15.92 -12.90
CA PRO A 396 27.22 16.47 -14.11
C PRO A 396 26.38 16.25 -15.37
N LEU A 397 25.78 15.07 -15.57
CA LEU A 397 24.98 14.84 -16.78
C LEU A 397 23.46 15.02 -16.60
N SER A 398 23.05 15.66 -15.51
CA SER A 398 21.65 15.91 -15.28
C SER A 398 21.12 16.86 -16.36
N PHE A 399 20.02 16.49 -17.00
CA PHE A 399 19.40 17.34 -18.02
C PHE A 399 18.88 18.71 -17.52
N PRO A 400 18.07 18.73 -16.44
CA PRO A 400 17.42 20.01 -16.16
C PRO A 400 18.34 21.13 -15.69
N ILE A 401 18.12 22.34 -16.21
CA ILE A 401 18.73 23.56 -15.69
C ILE A 401 17.64 24.62 -15.61
N PRO A 402 17.79 25.64 -14.73
CA PRO A 402 16.71 26.63 -14.68
C PRO A 402 16.50 27.30 -16.04
N GLY A 403 15.25 27.31 -16.53
CA GLY A 403 14.95 27.92 -17.79
C GLY A 403 13.76 27.30 -18.50
N TRP A 404 13.65 27.59 -19.79
CA TRP A 404 12.46 27.32 -20.55
C TRP A 404 12.51 25.93 -21.18
N ASN A 405 11.71 25.02 -20.66
CA ASN A 405 11.70 23.64 -21.13
C ASN A 405 10.52 23.37 -22.05
N ILE A 406 10.78 22.67 -23.15
CA ILE A 406 9.68 22.34 -24.03
C ILE A 406 9.81 20.97 -24.66
N CYS A 407 8.68 20.32 -24.88
CA CYS A 407 8.60 19.07 -25.61
C CYS A 407 7.78 19.22 -26.88
N VAL A 408 8.30 18.76 -28.01
CA VAL A 408 7.53 18.80 -29.24
C VAL A 408 7.51 17.44 -29.91
N ASP A 409 6.40 17.12 -30.54
CA ASP A 409 6.24 15.86 -31.23
C ASP A 409 6.10 16.12 -32.72
N PHE A 410 7.08 15.64 -33.50
CA PHE A 410 7.17 15.93 -34.93
C PHE A 410 6.80 14.72 -35.73
N PRO A 411 5.81 14.85 -36.63
CA PRO A 411 5.48 13.73 -37.51
C PRO A 411 6.66 13.48 -38.41
N ILE A 412 7.15 12.25 -38.44
CA ILE A 412 8.24 11.92 -39.33
C ILE A 412 7.87 12.20 -40.80
N LYS A 413 8.69 13.03 -41.44
CA LYS A 413 8.35 13.72 -42.69
C LYS A 413 9.67 14.13 -43.37
N ASP A 414 9.61 14.44 -44.66
CA ASP A 414 10.85 14.77 -45.40
C ASP A 414 11.54 16.03 -44.90
N GLY A 415 12.86 15.93 -44.74
CA GLY A 415 13.69 17.05 -44.33
C GLY A 415 13.55 17.38 -42.86
N LEU A 416 12.99 16.47 -42.10
CA LEU A 416 12.76 16.69 -40.67
C LEU A 416 14.06 16.40 -39.93
N GLY A 417 14.71 15.31 -40.32
CA GLY A 417 16.01 14.98 -39.79
C GLY A 417 17.00 16.12 -39.93
N LYS A 418 16.99 16.77 -41.09
CA LYS A 418 17.93 17.87 -41.27
C LYS A 418 17.47 19.13 -40.54
N PHE A 419 16.17 19.33 -40.41
CA PHE A 419 15.67 20.49 -39.67
C PHE A 419 16.02 20.42 -38.19
N VAL A 420 15.98 19.22 -37.58
CA VAL A 420 16.26 19.12 -36.16
C VAL A 420 17.75 19.28 -35.88
N SER A 421 18.58 18.90 -36.84
CA SER A 421 20.01 19.17 -36.70
C SER A 421 20.25 20.66 -36.56
N GLU A 422 19.46 21.46 -37.27
CA GLU A 422 19.59 22.89 -37.15
C GLU A 422 19.10 23.38 -35.80
N LEU A 423 18.04 22.74 -35.30
CA LEU A 423 17.51 23.02 -33.99
C LEU A 423 18.56 22.75 -32.93
N ASP A 424 19.19 21.58 -33.00
CA ASP A 424 20.34 21.27 -32.14
C ASP A 424 21.32 22.43 -32.13
N ARG A 425 21.66 22.94 -33.30
CA ARG A 425 22.66 23.99 -33.40
C ARG A 425 22.17 25.21 -32.65
N ARG A 426 20.91 25.55 -32.83
CA ARG A 426 20.34 26.70 -32.16
C ARG A 426 20.28 26.51 -30.63
N VAL A 427 19.81 25.34 -30.19
CA VAL A 427 19.75 25.02 -28.77
C VAL A 427 21.13 25.15 -28.17
N LEU A 428 22.12 24.61 -28.87
CA LEU A 428 23.51 24.69 -28.42
C LEU A 428 24.00 26.12 -28.42
N GLU A 429 23.77 26.85 -29.49
CA GLU A 429 24.26 28.22 -29.61
C GLU A 429 23.71 29.05 -28.44
N PHE A 430 22.49 28.74 -28.03
CA PHE A 430 21.80 29.49 -26.99
C PHE A 430 22.00 28.94 -25.57
N GLY A 431 22.91 27.99 -25.39
CA GLY A 431 23.31 27.60 -24.04
C GLY A 431 22.42 26.53 -23.41
N GLY A 432 21.52 25.96 -24.19
CA GLY A 432 20.61 24.96 -23.69
C GLY A 432 21.12 23.57 -23.98
N ARG A 433 20.26 22.56 -23.85
CA ARG A 433 20.67 21.19 -24.13
C ARG A 433 19.49 20.31 -24.47
N LEU A 434 19.77 19.15 -25.06
CA LEU A 434 18.78 18.10 -25.28
C LEU A 434 18.79 17.11 -24.14
N TYR A 435 17.86 16.16 -24.18
CA TYR A 435 17.60 15.18 -23.13
C TYR A 435 17.85 13.81 -23.71
N THR A 436 18.75 13.03 -23.10
CA THR A 436 19.09 11.68 -23.58
C THR A 436 17.93 10.72 -23.54
N ALA A 437 17.00 10.94 -22.62
CA ALA A 437 15.81 10.10 -22.51
C ALA A 437 14.88 10.29 -23.71
N LYS A 438 15.14 11.34 -24.49
CA LYS A 438 14.36 11.65 -25.71
C LYS A 438 15.14 11.41 -27.00
N ASP A 439 16.46 11.38 -26.90
CA ASP A 439 17.31 11.54 -28.09
C ASP A 439 17.95 10.26 -28.62
N SER A 440 18.03 10.17 -29.94
CA SER A 440 18.75 9.09 -30.59
C SER A 440 19.61 9.54 -31.77
N ARG A 441 19.39 10.77 -32.25
CA ARG A 441 20.05 11.21 -33.47
C ARG A 441 21.16 12.28 -33.36
N THR A 442 21.24 13.00 -32.24
CA THR A 442 22.27 14.03 -32.09
C THR A 442 23.71 13.47 -32.07
N THR A 443 24.69 14.35 -32.24
CA THR A 443 26.09 13.94 -32.36
C THR A 443 26.89 14.08 -31.05
N ALA A 444 27.95 13.30 -30.93
CA ALA A 444 28.84 13.37 -29.78
C ALA A 444 29.32 14.81 -29.53
N GLU A 445 29.69 15.50 -30.61
CA GLU A 445 30.23 16.84 -30.48
C GLU A 445 29.23 17.86 -29.94
N THR A 446 28.02 17.81 -30.47
CA THR A 446 26.91 18.58 -29.95
C THR A 446 26.61 18.28 -28.46
N PHE A 447 26.53 17.00 -28.12
CA PHE A 447 26.23 16.63 -26.76
C PHE A 447 27.31 17.09 -25.79
N HIS A 448 28.56 16.93 -26.20
CA HIS A 448 29.69 17.28 -25.32
C HIS A 448 29.73 18.77 -25.07
N ALA A 449 29.26 19.54 -26.05
CA ALA A 449 29.26 20.99 -25.91
C ALA A 449 28.06 21.45 -25.07
N MET A 450 26.97 20.72 -25.15
CA MET A 450 25.78 21.02 -24.37
C MET A 450 25.97 20.74 -22.88
N TYR A 451 26.80 19.75 -22.56
CA TYR A 451 27.07 19.34 -21.18
C TYR A 451 28.54 19.59 -20.83
N PRO A 452 28.90 20.84 -20.51
CA PRO A 452 30.33 21.16 -20.27
C PRO A 452 31.03 20.34 -19.16
N ARG A 453 30.27 19.76 -18.23
CA ARG A 453 30.85 18.89 -17.22
C ARG A 453 30.99 17.43 -17.66
N VAL A 454 30.74 17.15 -18.94
CA VAL A 454 30.87 15.77 -19.44
C VAL A 454 32.25 15.16 -19.17
N ASP A 455 33.31 15.96 -19.36
CA ASP A 455 34.68 15.51 -19.11
C ASP A 455 34.86 15.13 -17.65
N GLU A 456 34.29 15.92 -16.76
CA GLU A 456 34.31 15.63 -15.34
C GLU A 456 33.67 14.27 -15.08
N TRP A 457 32.53 14.06 -15.73
CA TRP A 457 31.75 12.82 -15.61
C TRP A 457 32.50 11.60 -16.14
N ILE A 458 33.06 11.74 -17.32
CA ILE A 458 33.80 10.66 -17.95
C ILE A 458 34.95 10.16 -17.05
N SER A 459 35.62 11.11 -16.40
CA SER A 459 36.71 10.78 -15.48
C SER A 459 36.25 9.83 -14.39
N VAL A 460 35.17 10.22 -13.70
CA VAL A 460 34.52 9.38 -12.69
C VAL A 460 34.18 8.01 -13.27
N ARG A 461 33.55 8.01 -14.43
CA ARG A 461 33.16 6.77 -15.09
C ARG A 461 34.34 5.88 -15.38
N ARG A 462 35.49 6.49 -15.67
CA ARG A 462 36.71 5.76 -15.97
C ARG A 462 37.32 5.12 -14.74
N LYS A 463 37.21 5.81 -13.60
CA LYS A 463 37.74 5.28 -12.35
C LYS A 463 36.98 4.03 -11.94
N VAL A 464 35.72 3.93 -12.36
CA VAL A 464 34.81 2.92 -11.83
C VAL A 464 34.58 1.76 -12.80
N ASP A 465 34.80 2.03 -14.08
CA ASP A 465 34.70 0.99 -15.09
C ASP A 465 35.86 1.17 -16.07
N PRO A 466 37.08 0.82 -15.65
CA PRO A 466 38.28 1.05 -16.46
C PRO A 466 38.26 0.20 -17.73
N LEU A 467 37.69 -1.00 -17.63
CA LEU A 467 37.67 -1.95 -18.73
C LEU A 467 36.47 -1.88 -19.66
N ARG A 468 35.66 -0.82 -19.52
CA ARG A 468 34.43 -0.63 -20.30
C ARG A 468 33.45 -1.82 -20.25
N VAL A 469 33.19 -2.28 -19.03
CA VAL A 469 32.25 -3.38 -18.79
C VAL A 469 30.81 -2.95 -19.08
N PHE A 470 30.47 -1.70 -18.77
CA PHE A 470 29.14 -1.17 -19.06
C PHE A 470 29.15 -0.29 -20.31
N ALA A 471 28.22 -0.57 -21.22
CA ALA A 471 28.23 0.03 -22.53
C ALA A 471 26.85 -0.03 -23.15
N SER A 472 26.56 0.90 -24.06
CA SER A 472 25.30 0.92 -24.78
C SER A 472 25.44 1.62 -26.13
N ASP A 473 24.41 1.49 -26.96
CA ASP A 473 24.34 2.22 -28.21
C ASP A 473 24.66 3.69 -27.99
N MET A 474 23.95 4.31 -27.04
CA MET A 474 24.16 5.73 -26.78
C MET A 474 25.58 6.07 -26.35
N ALA A 475 26.16 5.28 -25.45
CA ALA A 475 27.51 5.53 -24.99
C ALA A 475 28.51 5.58 -26.17
N ARG A 476 28.30 4.72 -27.15
CA ARG A 476 29.19 4.67 -28.28
C ARG A 476 28.92 5.85 -29.22
N ARG A 477 27.64 6.11 -29.49
CA ARG A 477 27.21 7.24 -30.31
C ARG A 477 27.64 8.60 -29.74
N LEU A 478 27.50 8.79 -28.44
CA LEU A 478 27.82 10.07 -27.83
C LEU A 478 29.23 10.10 -27.28
N GLU A 479 29.97 9.02 -27.52
CA GLU A 479 31.34 8.91 -27.04
C GLU A 479 31.41 9.18 -25.55
N LEU A 480 30.66 8.37 -24.80
CA LEU A 480 30.58 8.45 -23.35
C LEU A 480 31.23 7.18 -22.79
N LEU A 481 31.43 6.22 -23.70
CA LEU A 481 32.11 4.97 -23.43
C LEU A 481 33.47 5.20 -22.79
N THR B 27 -13.98 18.36 25.68
CA THR B 27 -13.37 17.45 24.72
C THR B 27 -14.20 16.17 24.55
N THR B 28 -14.90 15.78 25.61
CA THR B 28 -15.73 14.57 25.61
C THR B 28 -17.20 14.88 25.26
N THR B 29 -17.90 13.87 24.73
CA THR B 29 -19.31 14.01 24.38
C THR B 29 -20.12 12.86 24.97
N ALA B 30 -21.10 13.19 25.81
CA ALA B 30 -22.03 12.19 26.33
C ALA B 30 -22.77 11.47 25.19
N THR B 31 -22.47 10.18 25.01
CA THR B 31 -23.03 9.40 23.91
C THR B 31 -23.72 8.15 24.44
N ARG B 32 -24.75 7.70 23.72
CA ARG B 32 -25.47 6.47 24.05
C ARG B 32 -24.86 5.32 23.25
N LEU B 33 -24.27 4.35 23.95
CA LEU B 33 -23.52 3.29 23.30
C LEU B 33 -24.16 1.89 23.44
N THR B 34 -24.07 1.09 22.38
CA THR B 34 -24.41 -0.33 22.44
C THR B 34 -23.33 -1.11 21.70
N GLY B 35 -23.32 -2.43 21.89
CA GLY B 35 -22.49 -3.29 21.05
C GLY B 35 -23.15 -3.41 19.68
N TRP B 36 -22.71 -4.38 18.89
CA TRP B 36 -23.29 -4.61 17.57
C TRP B 36 -24.68 -5.26 17.67
N GLY B 37 -25.01 -5.74 18.86
CA GLY B 37 -26.29 -6.40 19.09
C GLY B 37 -27.40 -5.38 19.30
N ARG B 38 -27.01 -4.10 19.32
CA ARG B 38 -27.94 -2.98 19.50
C ARG B 38 -28.73 -3.14 20.80
N THR B 39 -28.10 -3.70 21.82
CA THR B 39 -28.80 -3.95 23.08
C THR B 39 -27.95 -3.59 24.31
N ALA B 40 -28.60 -3.57 25.46
CA ALA B 40 -27.99 -3.15 26.73
C ALA B 40 -27.33 -1.77 26.69
N PRO B 41 -28.06 -0.74 26.18
CA PRO B 41 -27.44 0.57 25.95
C PRO B 41 -27.06 1.28 27.24
N SER B 42 -25.99 2.07 27.19
CA SER B 42 -25.52 2.82 28.36
C SER B 42 -24.94 4.16 27.91
N VAL B 43 -24.98 5.15 28.80
CA VAL B 43 -24.47 6.50 28.47
C VAL B 43 -23.08 6.72 29.04
N ALA B 44 -22.14 7.10 28.16
CA ALA B 44 -20.79 7.44 28.59
C ALA B 44 -20.24 8.69 27.91
N ASN B 45 -19.15 9.22 28.47
CA ASN B 45 -18.47 10.37 27.90
C ASN B 45 -17.40 9.92 26.90
N VAL B 46 -17.68 10.14 25.62
CA VAL B 46 -16.85 9.60 24.55
C VAL B 46 -15.79 10.58 24.03
N LEU B 47 -14.56 10.42 24.51
CA LEU B 47 -13.41 11.18 24.00
C LEU B 47 -13.03 10.66 22.61
N ARG B 48 -12.84 11.58 21.66
CA ARG B 48 -12.40 11.21 20.31
C ARG B 48 -11.29 12.13 19.85
N THR B 49 -10.04 11.72 20.03
CA THR B 49 -8.91 12.53 19.56
C THR B 49 -7.81 11.71 18.87
N PRO B 50 -7.32 12.19 17.71
CA PRO B 50 -6.14 11.60 17.06
C PRO B 50 -4.87 11.89 17.83
N ASP B 51 -4.99 12.65 18.91
CA ASP B 51 -3.83 13.11 19.64
C ASP B 51 -3.56 12.24 20.88
N ALA B 52 -2.51 11.43 20.80
CA ALA B 52 -2.12 10.54 21.90
C ALA B 52 -1.90 11.28 23.20
N GLU B 53 -1.62 12.57 23.11
CA GLU B 53 -1.39 13.38 24.30
C GLU B 53 -2.67 13.64 25.06
N MET B 54 -3.72 13.99 24.33
CA MET B 54 -5.02 14.22 24.97
C MET B 54 -5.50 12.93 25.64
N ILE B 55 -5.16 11.80 25.01
CA ILE B 55 -5.54 10.50 25.53
C ILE B 55 -4.81 10.15 26.83
N VAL B 56 -3.49 10.25 26.86
CA VAL B 56 -2.73 9.95 28.07
C VAL B 56 -3.16 10.83 29.25
N LYS B 57 -3.51 12.08 28.95
CA LYS B 57 -3.86 13.02 30.00
C LYS B 57 -5.33 12.90 30.43
N ALA B 58 -6.17 12.29 29.58
CA ALA B 58 -7.54 12.02 29.96
C ALA B 58 -7.60 10.81 30.89
N VAL B 59 -6.60 9.96 30.76
CA VAL B 59 -6.42 8.80 31.62
C VAL B 59 -5.92 9.25 33.00
N ALA B 60 -4.96 10.16 32.98
CA ALA B 60 -4.45 10.74 34.22
C ALA B 60 -5.54 11.52 34.92
N ARG B 61 -6.50 12.03 34.16
CA ARG B 61 -7.63 12.79 34.71
C ARG B 61 -8.76 11.89 35.26
N VAL B 62 -8.65 10.59 35.01
CA VAL B 62 -9.56 9.64 35.62
C VAL B 62 -8.89 8.98 36.83
N ALA B 63 -7.56 8.98 36.83
CA ALA B 63 -6.78 8.31 37.88
C ALA B 63 -6.65 9.07 39.21
N GLU B 64 -6.86 10.39 39.18
CA GLU B 64 -6.74 11.19 40.40
C GLU B 64 -8.12 11.41 41.04
N SER B 65 -9.17 11.15 40.27
CA SER B 65 -10.51 11.11 40.83
C SER B 65 -10.80 9.70 41.34
N GLY B 68 -13.76 6.38 40.02
CA GLY B 68 -15.15 6.70 39.78
C GLY B 68 -15.64 6.24 38.42
N ARG B 69 -15.94 4.94 38.31
CA ARG B 69 -16.42 4.32 37.07
C ARG B 69 -15.39 4.24 35.93
N GLY B 70 -14.18 4.75 36.19
CA GLY B 70 -13.05 4.62 35.29
C GLY B 70 -13.23 4.86 33.79
N ALA B 71 -12.43 4.12 33.00
CA ALA B 71 -12.38 4.34 31.55
C ALA B 71 -12.21 3.06 30.74
N ILE B 72 -12.83 3.02 29.56
CA ILE B 72 -12.62 1.92 28.64
C ILE B 72 -12.29 2.39 27.21
N ALA B 73 -11.38 1.67 26.56
CA ALA B 73 -11.12 1.93 25.14
C ALA B 73 -12.24 1.31 24.30
N ARG B 74 -12.57 1.95 23.19
CA ARG B 74 -13.51 1.40 22.22
C ARG B 74 -12.88 1.44 20.83
N GLY B 75 -13.17 0.43 20.01
CA GLY B 75 -12.65 0.41 18.65
C GLY B 75 -13.76 0.75 17.69
N LEU B 76 -14.02 -0.14 16.74
CA LEU B 76 -15.11 0.03 15.80
C LEU B 76 -16.46 -0.52 16.28
N GLY B 77 -16.52 -0.96 17.54
CA GLY B 77 -17.75 -1.41 18.17
C GLY B 77 -18.41 -2.62 17.53
N ARG B 78 -17.61 -3.49 16.95
CA ARG B 78 -18.15 -4.66 16.29
C ARG B 78 -18.46 -5.76 17.29
N SER B 79 -17.94 -5.60 18.50
CA SER B 79 -18.19 -6.58 19.55
C SER B 79 -19.67 -6.46 19.96
N TYR B 80 -20.39 -7.59 19.97
CA TYR B 80 -21.82 -7.62 20.30
C TYR B 80 -22.10 -7.29 21.76
N GLY B 81 -21.16 -7.65 22.62
CA GLY B 81 -21.34 -7.49 24.05
C GLY B 81 -21.23 -6.08 24.56
N ASP B 82 -20.93 -5.99 25.85
CA ASP B 82 -20.89 -4.71 26.54
C ASP B 82 -19.48 -4.42 27.03
N ASN B 83 -18.48 -4.95 26.33
CA ASN B 83 -17.08 -4.71 26.72
C ASN B 83 -16.49 -3.35 26.29
N ALA B 84 -17.17 -2.71 25.34
CA ALA B 84 -16.71 -1.45 24.73
C ALA B 84 -17.59 -0.28 25.14
N GLN B 85 -18.21 -0.38 26.30
CA GLN B 85 -19.01 0.70 26.84
C GLN B 85 -18.82 0.75 28.35
N ASN B 86 -19.03 1.92 28.92
CA ASN B 86 -18.76 2.10 30.33
C ASN B 86 -19.75 3.11 30.92
N GLY B 87 -20.95 2.64 31.25
CA GLY B 87 -22.03 3.48 31.77
C GLY B 87 -21.58 4.51 32.78
N GLY B 88 -21.92 5.77 32.52
CA GLY B 88 -21.52 6.86 33.39
C GLY B 88 -20.03 6.91 33.68
N GLY B 89 -19.24 6.56 32.67
CA GLY B 89 -17.79 6.65 32.76
C GLY B 89 -17.19 7.20 31.48
N LEU B 90 -15.86 7.11 31.37
CA LEU B 90 -15.19 7.52 30.15
C LEU B 90 -15.04 6.36 29.15
N VAL B 91 -15.49 6.60 27.92
CA VAL B 91 -15.22 5.71 26.78
C VAL B 91 -14.30 6.42 25.78
N ILE B 92 -13.10 5.88 25.56
CA ILE B 92 -12.15 6.51 24.64
C ILE B 92 -12.13 5.88 23.23
N ASP B 93 -12.70 6.57 22.25
CA ASP B 93 -12.72 6.07 20.87
C ASP B 93 -11.30 6.16 20.30
N MET B 94 -10.80 5.01 19.82
CA MET B 94 -9.42 4.90 19.36
C MET B 94 -9.26 4.95 17.84
N THR B 95 -10.38 4.88 17.12
CA THR B 95 -10.33 4.97 15.65
C THR B 95 -9.58 6.18 15.03
N PRO B 96 -9.62 7.36 15.69
CA PRO B 96 -8.79 8.44 15.12
C PRO B 96 -7.29 8.14 15.11
N LEU B 97 -6.81 7.31 16.04
CA LEU B 97 -5.40 6.93 16.06
C LEU B 97 -5.16 5.79 15.08
N ASN B 98 -5.15 6.09 13.79
CA ASN B 98 -5.11 5.06 12.76
C ASN B 98 -3.93 5.20 11.83
N THR B 99 -2.75 5.54 12.37
CA THR B 99 -1.57 5.67 11.52
C THR B 99 -0.81 4.35 11.36
N ILE B 100 -0.61 3.94 10.11
CA ILE B 100 0.32 2.87 9.78
C ILE B 100 1.73 3.45 9.69
N HIS B 101 2.61 3.02 10.60
CA HIS B 101 3.92 3.61 10.74
C HIS B 101 4.93 3.00 9.79
N SER B 102 4.89 1.68 9.65
CA SER B 102 5.74 1.04 8.68
C SER B 102 5.29 -0.38 8.40
N ILE B 103 5.68 -0.90 7.25
CA ILE B 103 5.49 -2.29 6.90
C ILE B 103 6.82 -2.69 6.29
N ASP B 104 7.25 -3.91 6.52
CA ASP B 104 8.54 -4.36 6.05
C ASP B 104 8.38 -5.78 5.50
N ALA B 105 8.62 -5.95 4.21
CA ALA B 105 8.44 -7.24 3.56
C ALA B 105 9.50 -8.27 4.02
N ASP B 106 10.60 -7.79 4.57
CA ASP B 106 11.73 -8.64 4.86
C ASP B 106 11.61 -9.26 6.24
N THR B 107 11.26 -8.44 7.22
CA THR B 107 11.01 -8.90 8.57
C THR B 107 9.57 -9.41 8.74
N LYS B 108 8.73 -9.09 7.76
CA LYS B 108 7.33 -9.43 7.78
C LYS B 108 6.57 -8.64 8.85
N LEU B 109 7.18 -7.59 9.40
CA LEU B 109 6.58 -6.86 10.53
C LEU B 109 5.81 -5.62 10.09
N VAL B 110 4.66 -5.39 10.70
CA VAL B 110 3.95 -4.12 10.50
C VAL B 110 3.82 -3.43 11.86
N ASP B 111 3.86 -2.12 11.83
CA ASP B 111 3.92 -1.32 13.05
C ASP B 111 2.84 -0.27 12.90
N ILE B 112 1.76 -0.43 13.64
CA ILE B 112 0.59 0.41 13.42
C ILE B 112 -0.03 0.89 14.73
N ASP B 113 -0.87 1.92 14.65
CA ASP B 113 -1.61 2.40 15.79
C ASP B 113 -2.79 1.47 16.03
N ALA B 114 -3.22 1.38 17.29
CA ALA B 114 -4.32 0.48 17.65
C ALA B 114 -5.59 0.78 16.89
N GLY B 115 -5.75 2.02 16.43
CA GLY B 115 -6.96 2.42 15.75
C GLY B 115 -7.07 1.93 14.32
N VAL B 116 -5.99 1.39 13.74
CA VAL B 116 -6.12 0.96 12.33
C VAL B 116 -6.91 -0.32 12.25
N ASN B 117 -7.85 -0.36 11.31
CA ASN B 117 -8.69 -1.53 11.15
C ASN B 117 -8.02 -2.53 10.23
N LEU B 118 -8.52 -3.75 10.23
CA LEU B 118 -7.85 -4.84 9.49
C LEU B 118 -8.11 -4.77 7.99
N ASP B 119 -9.16 -4.08 7.57
CA ASP B 119 -9.38 -3.87 6.13
C ASP B 119 -8.29 -2.97 5.58
N GLN B 120 -8.10 -1.86 6.28
CA GLN B 120 -7.07 -0.88 5.96
C GLN B 120 -5.70 -1.54 5.94
N LEU B 121 -5.41 -2.28 7.00
CA LEU B 121 -4.14 -2.99 7.11
C LEU B 121 -3.95 -4.02 5.98
N MET B 122 -5.03 -4.69 5.61
CA MET B 122 -4.92 -5.71 4.58
C MET B 122 -4.54 -5.08 3.23
N LYS B 123 -5.15 -3.94 2.95
CA LYS B 123 -4.94 -3.25 1.70
C LYS B 123 -3.54 -2.63 1.64
N ALA B 124 -3.07 -2.13 2.76
CA ALA B 124 -1.74 -1.55 2.83
C ALA B 124 -0.65 -2.59 2.68
N ALA B 125 -0.91 -3.81 3.13
CA ALA B 125 0.19 -4.80 3.22
C ALA B 125 0.26 -5.81 2.08
N LEU B 126 -0.80 -5.92 1.29
CA LEU B 126 -0.77 -6.77 0.11
C LEU B 126 0.42 -6.44 -0.83
N PRO B 127 0.62 -5.15 -1.18
CA PRO B 127 1.71 -4.86 -2.12
C PRO B 127 3.09 -5.32 -1.62
N PHE B 128 3.22 -5.62 -0.33
CA PHE B 128 4.47 -6.17 0.19
C PHE B 128 4.48 -7.71 0.18
N GLY B 129 3.44 -8.33 -0.38
CA GLY B 129 3.32 -9.77 -0.29
C GLY B 129 3.08 -10.24 1.16
N LEU B 130 2.37 -9.43 1.94
CA LEU B 130 2.06 -9.81 3.33
C LEU B 130 0.57 -9.96 3.54
N TRP B 131 0.20 -10.98 4.31
CA TRP B 131 -1.19 -11.32 4.61
C TRP B 131 -1.46 -11.22 6.12
N VAL B 132 -2.53 -10.53 6.50
CA VAL B 132 -2.98 -10.43 7.88
C VAL B 132 -3.22 -11.85 8.39
N PRO B 133 -2.53 -12.24 9.49
CA PRO B 133 -2.39 -13.66 9.86
C PRO B 133 -3.65 -14.29 10.38
N VAL B 134 -4.60 -13.48 10.83
CA VAL B 134 -5.87 -13.97 11.32
C VAL B 134 -6.94 -12.98 10.93
N LEU B 135 -7.83 -13.40 10.03
CA LEU B 135 -8.96 -12.54 9.68
C LEU B 135 -10.28 -13.08 10.24
N PRO B 136 -11.04 -12.20 10.94
CA PRO B 136 -12.37 -12.54 11.39
C PRO B 136 -13.36 -12.31 10.25
N GLY B 137 -14.64 -12.55 10.49
CA GLY B 137 -15.64 -12.49 9.44
C GLY B 137 -15.96 -11.10 8.90
N THR B 138 -15.63 -10.06 9.66
CA THR B 138 -15.76 -8.71 9.15
C THR B 138 -14.43 -8.03 9.35
N ARG B 139 -14.00 -7.23 8.40
CA ARG B 139 -12.66 -6.67 8.50
C ARG B 139 -12.73 -5.29 9.12
N GLN B 140 -13.94 -4.91 9.53
CA GLN B 140 -14.14 -3.64 10.19
C GLN B 140 -13.91 -3.79 11.70
N VAL B 141 -12.74 -4.29 12.07
CA VAL B 141 -12.34 -4.35 13.48
C VAL B 141 -10.97 -3.71 13.64
N THR B 142 -10.73 -3.01 14.75
CA THR B 142 -9.45 -2.36 14.90
C THR B 142 -8.45 -3.37 15.39
N VAL B 143 -7.18 -2.96 15.45
CA VAL B 143 -6.14 -3.83 15.91
C VAL B 143 -6.28 -3.98 17.43
N GLY B 144 -6.66 -2.90 18.09
CA GLY B 144 -6.87 -2.94 19.54
C GLY B 144 -7.94 -3.95 19.90
N GLY B 145 -9.07 -3.87 19.20
CA GLY B 145 -10.17 -4.82 19.33
C GLY B 145 -9.78 -6.24 18.99
N ALA B 146 -8.94 -6.41 17.98
CA ALA B 146 -8.49 -7.73 17.59
C ALA B 146 -7.63 -8.35 18.69
N ILE B 147 -6.82 -7.53 19.33
CA ILE B 147 -5.95 -8.02 20.40
C ILE B 147 -6.71 -8.28 21.71
N ALA B 148 -7.53 -7.31 22.11
CA ALA B 148 -8.23 -7.38 23.37
C ALA B 148 -9.33 -8.45 23.40
N CYS B 149 -9.81 -8.87 22.23
CA CYS B 149 -10.71 -10.00 22.16
C CYS B 149 -9.99 -11.25 21.66
N ASP B 150 -8.69 -11.12 21.37
CA ASP B 150 -7.89 -12.26 20.89
C ASP B 150 -8.67 -13.04 19.81
N ILE B 151 -9.11 -12.31 18.78
CA ILE B 151 -10.02 -12.89 17.81
C ILE B 151 -9.45 -14.11 17.09
N HIS B 152 -10.34 -14.90 16.52
CA HIS B 152 -9.93 -16.10 15.81
C HIS B 152 -10.54 -16.00 14.45
N GLY B 153 -10.08 -16.83 13.51
CA GLY B 153 -10.70 -16.86 12.21
C GLY B 153 -10.73 -18.25 11.64
N LYS B 154 -11.02 -18.32 10.35
CA LYS B 154 -11.19 -19.57 9.63
C LYS B 154 -9.92 -20.44 9.66
N ASN B 155 -8.79 -19.85 10.02
CA ASN B 155 -7.52 -20.58 10.04
C ASN B 155 -6.97 -20.84 11.43
N HIS B 156 -7.83 -20.74 12.44
CA HIS B 156 -7.39 -20.94 13.81
C HIS B 156 -6.63 -22.24 14.07
N HIS B 157 -7.09 -23.33 13.47
CA HIS B 157 -6.48 -24.64 13.69
C HIS B 157 -5.04 -24.72 13.17
N SER B 158 -4.65 -23.77 12.31
CA SER B 158 -3.31 -23.74 11.73
C SER B 158 -2.49 -22.53 12.18
N ALA B 159 -3.15 -21.45 12.57
CA ALA B 159 -2.46 -20.17 12.84
C ALA B 159 -2.65 -19.63 14.25
N GLY B 160 -3.56 -20.22 15.02
CA GLY B 160 -3.89 -19.70 16.33
C GLY B 160 -4.76 -18.47 16.21
N SER B 161 -4.83 -17.69 17.29
CA SER B 161 -5.68 -16.51 17.31
C SER B 161 -4.80 -15.28 17.17
N PHE B 162 -5.40 -14.08 17.22
CA PHE B 162 -4.69 -12.83 16.90
C PHE B 162 -3.46 -12.61 17.77
N GLY B 163 -3.60 -12.91 19.06
CA GLY B 163 -2.51 -12.74 20.01
C GLY B 163 -1.24 -13.46 19.66
N ASN B 164 -1.34 -14.62 19.01
CA ASN B 164 -0.15 -15.39 18.63
C ASN B 164 0.80 -14.66 17.70
N HIS B 165 0.31 -13.60 17.06
CA HIS B 165 1.09 -12.92 16.02
C HIS B 165 1.55 -11.53 16.44
N VAL B 166 1.20 -11.11 17.64
CA VAL B 166 1.65 -9.84 18.16
C VAL B 166 3.05 -10.01 18.72
N ARG B 167 3.98 -9.18 18.27
CA ARG B 167 5.38 -9.30 18.64
C ARG B 167 5.74 -8.26 19.69
N SER B 168 4.90 -7.23 19.81
CA SER B 168 5.09 -6.18 20.79
C SER B 168 3.83 -5.33 20.85
N MET B 169 3.63 -4.64 21.96
CA MET B 169 2.61 -3.62 22.04
C MET B 169 2.93 -2.57 23.09
N ASP B 170 2.37 -1.40 22.91
CA ASP B 170 2.59 -0.28 23.80
C ASP B 170 1.29 -0.12 24.54
N LEU B 171 1.33 -0.31 25.85
CA LEU B 171 0.12 -0.29 26.66
C LEU B 171 0.13 0.91 27.60
N LEU B 172 -0.86 1.78 27.44
CA LEU B 172 -1.03 2.89 28.38
C LEU B 172 -1.70 2.38 29.67
N THR B 173 -0.91 2.29 30.72
CA THR B 173 -1.40 1.78 32.00
C THR B 173 -2.06 2.86 32.91
N ALA B 174 -2.63 2.42 34.04
CA ALA B 174 -3.32 3.34 34.98
C ALA B 174 -2.43 4.48 35.49
N ASP B 175 -1.16 4.16 35.75
CA ASP B 175 -0.20 5.15 36.24
C ASP B 175 0.29 6.14 35.16
N GLY B 176 -0.43 6.26 34.05
CA GLY B 176 -0.08 7.20 33.00
C GLY B 176 1.12 6.82 32.13
N GLU B 177 1.81 5.75 32.49
CA GLU B 177 2.99 5.24 31.77
C GLU B 177 2.62 4.38 30.55
N ILE B 178 3.46 4.43 29.51
CA ILE B 178 3.37 3.54 28.34
C ILE B 178 4.37 2.39 28.50
N ARG B 179 3.86 1.16 28.63
CA ARG B 179 4.72 -0.01 28.79
C ARG B 179 4.85 -0.76 27.48
N HIS B 180 6.08 -1.11 27.13
CA HIS B 180 6.35 -1.82 25.89
C HIS B 180 6.37 -3.31 26.20
N LEU B 181 5.30 -4.01 25.81
CA LEU B 181 5.14 -5.42 26.15
C LEU B 181 5.57 -6.31 25.01
N THR B 182 6.28 -7.39 25.33
CA THR B 182 6.57 -8.46 24.38
C THR B 182 6.07 -9.83 24.90
N PRO B 183 5.84 -10.80 23.99
CA PRO B 183 5.32 -12.10 24.43
C PRO B 183 6.29 -12.93 25.27
N THR B 184 7.59 -12.77 25.09
CA THR B 184 8.58 -13.51 25.89
C THR B 184 9.52 -12.62 26.71
N GLY B 185 9.21 -11.33 26.80
CA GLY B 185 9.98 -10.44 27.64
C GLY B 185 9.74 -10.67 29.12
N GLU B 186 10.16 -9.71 29.93
CA GLU B 186 10.01 -9.82 31.37
C GLU B 186 8.67 -9.22 31.75
N ASP B 187 7.97 -8.75 30.74
CA ASP B 187 6.62 -8.27 30.96
C ASP B 187 5.60 -9.19 30.31
N ALA B 188 6.04 -10.41 29.99
CA ALA B 188 5.20 -11.38 29.30
C ALA B 188 3.83 -11.56 29.93
N GLU B 189 3.78 -11.52 31.26
CA GLU B 189 2.54 -11.80 31.98
C GLU B 189 1.48 -10.77 31.65
N LEU B 190 1.87 -9.51 31.67
CA LEU B 190 0.92 -8.44 31.42
C LEU B 190 0.60 -8.36 29.91
N PHE B 191 1.52 -8.85 29.08
CA PHE B 191 1.27 -8.95 27.64
C PHE B 191 0.16 -9.96 27.40
N TRP B 192 0.33 -11.14 27.99
CA TRP B 192 -0.65 -12.20 27.87
C TRP B 192 -1.93 -11.99 28.67
N ALA B 193 -1.96 -10.96 29.50
CA ALA B 193 -3.20 -10.63 30.20
C ALA B 193 -3.95 -9.62 29.36
N THR B 194 -3.19 -8.87 28.58
CA THR B 194 -3.77 -7.86 27.70
C THR B 194 -4.44 -8.53 26.51
N VAL B 195 -3.76 -9.54 25.98
CA VAL B 195 -4.35 -10.39 24.95
C VAL B 195 -5.63 -11.01 25.52
N GLY B 196 -6.77 -10.70 24.93
CA GLY B 196 -8.03 -11.27 25.36
C GLY B 196 -8.52 -10.62 26.64
N GLY B 197 -7.89 -9.51 27.01
CA GLY B 197 -8.21 -8.84 28.26
C GLY B 197 -9.35 -7.83 28.20
N ASN B 198 -10.01 -7.75 27.05
CA ASN B 198 -11.14 -6.83 26.85
C ASN B 198 -10.87 -5.41 27.33
N GLY B 199 -9.64 -4.96 27.15
CA GLY B 199 -9.24 -3.60 27.45
C GLY B 199 -9.02 -3.27 28.92
N LEU B 200 -9.08 -4.27 29.80
CA LEU B 200 -9.02 -4.04 31.24
C LEU B 200 -7.60 -4.03 31.82
N THR B 201 -6.58 -3.96 30.99
CA THR B 201 -5.22 -3.75 31.49
C THR B 201 -4.72 -2.35 31.12
N GLY B 202 -5.54 -1.64 30.34
CA GLY B 202 -5.16 -0.31 29.88
C GLY B 202 -5.43 -0.16 28.39
N ILE B 203 -4.89 0.92 27.82
CA ILE B 203 -5.13 1.21 26.40
C ILE B 203 -3.95 0.84 25.52
N ILE B 204 -4.20 -0.04 24.56
CA ILE B 204 -3.18 -0.41 23.59
C ILE B 204 -3.08 0.75 22.63
N MET B 205 -1.92 1.39 22.59
CA MET B 205 -1.73 2.57 21.74
C MET B 205 -1.27 2.15 20.34
N ARG B 206 -0.48 1.09 20.29
CA ARG B 206 0.31 0.81 19.14
C ARG B 206 0.85 -0.59 19.31
N ALA B 207 0.98 -1.33 18.20
CA ALA B 207 1.48 -2.69 18.27
C ALA B 207 2.36 -3.01 17.07
N THR B 208 3.06 -4.14 17.17
CA THR B 208 3.82 -4.68 16.06
C THR B 208 3.33 -6.09 15.81
N ILE B 209 2.82 -6.33 14.61
CA ILE B 209 2.28 -7.61 14.21
C ILE B 209 3.24 -8.28 13.22
N GLU B 210 3.46 -9.58 13.33
CA GLU B 210 4.17 -10.32 12.30
C GLU B 210 3.18 -10.91 11.33
N MET B 211 3.32 -10.54 10.07
CA MET B 211 2.34 -10.93 9.04
C MET B 211 2.67 -12.28 8.44
N THR B 212 1.80 -12.77 7.57
CA THR B 212 2.00 -14.05 6.91
C THR B 212 2.37 -13.81 5.46
N PRO B 213 3.49 -14.37 4.99
CA PRO B 213 3.89 -14.06 3.61
C PRO B 213 2.96 -14.74 2.63
N THR B 214 2.57 -14.03 1.58
CA THR B 214 1.76 -14.62 0.51
C THR B 214 2.23 -14.07 -0.83
N SER B 215 2.06 -14.86 -1.90
CA SER B 215 2.40 -14.40 -3.24
C SER B 215 1.18 -13.97 -4.01
N THR B 216 -0.01 -14.24 -3.46
CA THR B 216 -1.27 -13.80 -4.09
C THR B 216 -2.29 -13.32 -3.06
N ALA B 217 -3.37 -12.73 -3.56
CA ALA B 217 -4.53 -12.38 -2.74
C ALA B 217 -5.67 -13.39 -2.89
N TYR B 218 -5.34 -14.60 -3.32
CA TYR B 218 -6.38 -15.56 -3.66
C TYR B 218 -6.25 -16.86 -2.90
N PHE B 219 -7.37 -17.59 -2.85
CA PHE B 219 -7.42 -18.87 -2.19
C PHE B 219 -7.67 -19.95 -3.21
N ILE B 220 -7.13 -21.14 -2.94
CA ILE B 220 -7.54 -22.34 -3.65
C ILE B 220 -8.40 -23.17 -2.71
N ALA B 221 -9.68 -23.26 -3.02
CA ALA B 221 -10.68 -23.83 -2.12
C ALA B 221 -11.22 -25.20 -2.56
N ASP B 222 -11.34 -26.13 -1.62
CA ASP B 222 -12.05 -27.38 -1.85
C ASP B 222 -13.38 -27.32 -1.11
N GLY B 223 -14.46 -27.78 -1.75
CA GLY B 223 -15.78 -27.78 -1.15
C GLY B 223 -16.28 -29.18 -0.89
N ASP B 224 -17.03 -29.35 0.20
CA ASP B 224 -17.61 -30.64 0.52
C ASP B 224 -18.96 -30.47 1.22
N VAL B 225 -19.82 -31.46 1.09
CA VAL B 225 -21.09 -31.43 1.80
C VAL B 225 -21.24 -32.72 2.58
N THR B 226 -21.96 -32.62 3.69
CA THR B 226 -22.31 -33.79 4.48
C THR B 226 -23.83 -33.89 4.59
N ALA B 227 -24.32 -35.05 5.00
CA ALA B 227 -25.76 -35.28 5.11
C ALA B 227 -26.23 -35.37 6.57
N SER B 228 -25.28 -35.46 7.50
CA SER B 228 -25.60 -35.67 8.91
C SER B 228 -24.56 -35.07 9.84
N LEU B 229 -24.97 -34.79 11.07
CA LEU B 229 -24.02 -34.31 12.08
C LEU B 229 -22.87 -35.30 12.28
N ASP B 230 -23.16 -36.59 12.18
CA ASP B 230 -22.12 -37.58 12.35
C ASP B 230 -21.13 -37.49 11.20
N GLU B 231 -21.63 -37.19 10.01
CA GLU B 231 -20.77 -37.11 8.86
C GLU B 231 -19.81 -35.91 9.01
N THR B 232 -20.38 -34.78 9.44
CA THR B 232 -19.63 -33.56 9.73
C THR B 232 -18.48 -33.81 10.70
N ILE B 233 -18.77 -34.46 11.82
CA ILE B 233 -17.73 -34.76 12.80
C ILE B 233 -16.66 -35.70 12.24
N ALA B 234 -17.05 -36.67 11.44
CA ALA B 234 -16.09 -37.59 10.83
C ALA B 234 -15.13 -36.86 9.89
N LEU B 235 -15.68 -36.01 9.04
CA LEU B 235 -14.88 -35.21 8.10
C LEU B 235 -13.82 -34.37 8.82
N HIS B 236 -14.16 -33.91 10.02
CA HIS B 236 -13.26 -33.03 10.75
C HIS B 236 -12.32 -33.80 11.66
N SER B 237 -12.51 -35.11 11.75
CA SER B 237 -11.65 -35.95 12.57
C SER B 237 -10.90 -37.01 11.77
N ASP B 238 -10.95 -36.90 10.44
CA ASP B 238 -10.35 -37.95 9.61
C ASP B 238 -8.93 -37.62 9.16
N GLY B 239 -8.41 -36.49 9.62
CA GLY B 239 -7.07 -36.05 9.25
C GLY B 239 -7.00 -35.13 8.05
N SER B 240 -8.13 -34.93 7.37
CA SER B 240 -8.15 -34.07 6.18
C SER B 240 -7.87 -32.63 6.54
N GLU B 241 -8.35 -32.24 7.73
CA GLU B 241 -8.19 -30.89 8.24
C GLU B 241 -6.70 -30.41 8.22
N ALA B 242 -5.76 -31.32 8.38
CA ALA B 242 -4.33 -30.99 8.34
C ALA B 242 -3.81 -30.61 6.95
N ARG B 243 -4.62 -30.79 5.91
CA ARG B 243 -4.24 -30.42 4.53
C ARG B 243 -4.66 -28.99 4.18
N TYR B 244 -5.55 -28.42 4.98
CA TYR B 244 -6.02 -27.08 4.74
C TYR B 244 -5.59 -26.15 5.87
N THR B 245 -5.18 -24.93 5.50
CA THR B 245 -4.85 -23.94 6.51
C THR B 245 -6.10 -23.19 6.95
N TYR B 246 -7.10 -23.13 6.08
CA TYR B 246 -8.34 -22.43 6.34
C TYR B 246 -9.51 -23.43 6.24
N SER B 247 -10.47 -23.34 7.15
CA SER B 247 -11.58 -24.30 7.21
C SER B 247 -12.74 -23.84 8.09
N SER B 248 -13.94 -23.87 7.54
CA SER B 248 -15.16 -23.64 8.31
C SER B 248 -16.37 -24.20 7.54
N ALA B 249 -17.53 -24.23 8.18
CA ALA B 249 -18.70 -24.88 7.59
C ALA B 249 -20.00 -24.13 7.88
N TRP B 250 -20.91 -24.11 6.93
CA TRP B 250 -22.26 -23.67 7.24
C TRP B 250 -22.97 -24.94 7.66
N PHE B 251 -23.74 -24.91 8.71
CA PHE B 251 -24.40 -26.15 9.11
C PHE B 251 -25.82 -26.02 9.61
N ASP B 252 -26.56 -27.10 9.38
CA ASP B 252 -28.00 -27.19 9.60
C ASP B 252 -28.33 -27.38 11.10
N ALA B 253 -28.98 -26.38 11.69
CA ALA B 253 -29.39 -26.44 13.10
C ALA B 253 -30.92 -26.48 13.26
N ILE B 254 -31.62 -26.76 12.16
CA ILE B 254 -33.09 -26.73 12.11
C ILE B 254 -33.73 -28.09 11.77
N SER B 255 -33.19 -28.75 10.75
CA SER B 255 -33.62 -30.11 10.36
C SER B 255 -33.47 -31.12 11.50
N ALA B 256 -34.49 -31.95 11.69
CA ALA B 256 -34.44 -33.01 12.70
C ALA B 256 -33.45 -34.09 12.30
N PRO B 257 -32.92 -34.84 13.29
CA PRO B 257 -31.92 -35.87 12.96
C PRO B 257 -32.50 -36.89 12.01
N PRO B 258 -31.65 -37.61 11.26
CA PRO B 258 -30.18 -37.52 11.20
C PRO B 258 -29.69 -36.42 10.26
N LYS B 259 -30.60 -35.59 9.77
CA LYS B 259 -30.23 -34.52 8.83
C LYS B 259 -29.66 -33.33 9.59
N LEU B 260 -29.99 -33.26 10.87
CA LEU B 260 -29.43 -32.25 11.76
C LEU B 260 -27.90 -32.30 11.74
N GLY B 261 -27.27 -31.16 11.50
CA GLY B 261 -25.82 -31.08 11.56
C GLY B 261 -25.10 -31.37 10.26
N ARG B 262 -25.86 -31.57 9.19
CA ARG B 262 -25.24 -31.66 7.88
C ARG B 262 -24.68 -30.29 7.58
N ALA B 263 -23.61 -30.26 6.80
CA ALA B 263 -22.84 -29.04 6.64
C ALA B 263 -22.34 -28.85 5.22
N ALA B 264 -22.24 -27.58 4.84
CA ALA B 264 -21.52 -27.19 3.63
C ALA B 264 -20.14 -26.74 4.06
N VAL B 265 -19.15 -27.60 3.86
CA VAL B 265 -17.77 -27.36 4.30
C VAL B 265 -16.88 -26.68 3.24
N SER B 266 -16.37 -25.49 3.56
CA SER B 266 -15.45 -24.77 2.68
C SER B 266 -14.02 -24.72 3.23
N ARG B 267 -13.07 -25.40 2.58
CA ARG B 267 -11.70 -25.47 3.09
C ARG B 267 -10.66 -25.06 2.04
N GLY B 268 -9.51 -24.56 2.48
CA GLY B 268 -8.57 -24.04 1.51
C GLY B 268 -7.22 -23.57 2.01
N ARG B 269 -6.59 -22.74 1.19
CA ARG B 269 -5.18 -22.43 1.29
C ARG B 269 -4.98 -21.19 0.43
N LEU B 270 -4.08 -20.30 0.83
CA LEU B 270 -3.67 -19.22 -0.06
C LEU B 270 -3.01 -19.79 -1.31
N ALA B 271 -3.35 -19.23 -2.46
CA ALA B 271 -2.79 -19.68 -3.75
C ALA B 271 -1.45 -19.03 -4.05
N THR B 272 -0.57 -19.80 -4.68
CA THR B 272 0.70 -19.31 -5.20
C THR B 272 0.43 -18.76 -6.59
N VAL B 273 1.38 -18.00 -7.15
CA VAL B 273 1.18 -17.40 -8.47
C VAL B 273 1.02 -18.46 -9.57
N GLU B 274 1.85 -19.50 -9.52
CA GLU B 274 1.76 -20.58 -10.51
C GLU B 274 0.44 -21.37 -10.47
N GLN B 275 -0.48 -21.00 -9.59
CA GLN B 275 -1.79 -21.69 -9.49
C GLN B 275 -2.92 -20.83 -10.02
N LEU B 276 -2.61 -19.59 -10.32
CA LEU B 276 -3.62 -18.65 -10.76
C LEU B 276 -3.86 -18.82 -12.26
N PRO B 277 -5.11 -18.59 -12.71
CA PRO B 277 -5.36 -18.48 -14.15
C PRO B 277 -4.46 -17.39 -14.71
N ALA B 278 -3.95 -17.59 -15.92
CA ALA B 278 -2.98 -16.65 -16.48
C ALA B 278 -3.49 -15.21 -16.63
N LYS B 279 -4.81 -15.00 -16.54
CA LYS B 279 -5.34 -13.63 -16.64
C LYS B 279 -5.06 -12.86 -15.35
N LEU B 280 -4.68 -13.59 -14.30
CA LEU B 280 -4.54 -13.00 -12.97
C LEU B 280 -3.08 -12.85 -12.53
N ARG B 281 -2.14 -13.44 -13.27
CA ARG B 281 -0.75 -13.50 -12.82
C ARG B 281 -0.02 -12.17 -12.89
N SER B 282 -0.67 -11.18 -13.49
CA SER B 282 -0.08 -9.86 -13.62
C SER B 282 -0.16 -9.06 -12.32
N GLU B 283 -1.35 -9.02 -11.73
CA GLU B 283 -1.55 -8.35 -10.45
C GLU B 283 -2.07 -9.37 -9.42
N PRO B 284 -1.22 -10.33 -9.03
CA PRO B 284 -1.67 -11.43 -8.16
C PRO B 284 -2.06 -10.95 -6.76
N LEU B 285 -1.49 -9.83 -6.35
CA LEU B 285 -1.78 -9.28 -5.04
C LEU B 285 -2.85 -8.18 -5.09
N LYS B 286 -3.66 -8.19 -6.15
CA LYS B 286 -4.72 -7.18 -6.34
C LYS B 286 -5.82 -7.29 -5.27
N PHE B 287 -6.05 -6.18 -4.57
CA PHE B 287 -6.94 -6.14 -3.40
C PHE B 287 -8.43 -6.19 -3.74
N ASP B 288 -9.19 -6.73 -2.77
CA ASP B 288 -10.65 -6.57 -2.66
C ASP B 288 -11.17 -7.24 -1.39
N GLY B 313 -31.67 -38.16 -5.71
CA GLY B 313 -30.36 -38.69 -5.36
C GLY B 313 -29.68 -37.88 -4.24
N GLU B 314 -29.19 -38.58 -3.22
CA GLU B 314 -28.27 -37.95 -2.28
C GLU B 314 -26.93 -37.78 -3.01
N LEU B 315 -26.75 -38.51 -4.11
CA LEU B 315 -25.54 -38.38 -4.93
C LEU B 315 -25.55 -37.04 -5.66
N TRP B 316 -26.74 -36.55 -6.00
CA TRP B 316 -26.83 -35.24 -6.63
C TRP B 316 -26.46 -34.16 -5.62
N TYR B 317 -27.06 -34.26 -4.43
CA TYR B 317 -26.78 -33.36 -3.31
C TYR B 317 -25.28 -33.17 -3.04
N ARG B 318 -24.53 -34.28 -3.04
CA ARG B 318 -23.08 -34.25 -2.86
C ARG B 318 -22.37 -33.58 -4.02
N LYS B 319 -22.42 -34.22 -5.19
CA LYS B 319 -21.86 -33.68 -6.43
C LYS B 319 -22.16 -32.18 -6.60
N SER B 320 -23.39 -31.78 -6.26
CA SER B 320 -23.82 -30.38 -6.34
C SER B 320 -23.00 -29.47 -5.43
N GLY B 321 -22.76 -29.92 -4.20
CA GLY B 321 -22.04 -29.11 -3.24
C GLY B 321 -20.54 -29.34 -3.21
N THR B 322 -20.07 -30.31 -3.98
CA THR B 322 -18.66 -30.69 -3.95
C THR B 322 -17.85 -30.03 -5.06
N TYR B 323 -16.72 -29.45 -4.69
CA TYR B 323 -15.77 -28.94 -5.68
C TYR B 323 -14.33 -29.07 -5.24
N ARG B 324 -13.42 -28.85 -6.18
CA ARG B 324 -11.99 -28.93 -5.88
C ARG B 324 -11.27 -27.78 -6.56
N GLY B 325 -10.18 -27.33 -5.95
CA GLY B 325 -9.32 -26.30 -6.52
C GLY B 325 -10.00 -25.06 -7.07
N LYS B 326 -11.15 -24.69 -6.49
CA LYS B 326 -11.82 -23.48 -6.92
C LYS B 326 -11.03 -22.24 -6.51
N VAL B 327 -10.75 -21.36 -7.47
CA VAL B 327 -10.03 -20.13 -7.18
C VAL B 327 -11.02 -19.06 -6.77
N GLN B 328 -10.84 -18.48 -5.58
CA GLN B 328 -11.72 -17.42 -5.11
C GLN B 328 -10.92 -16.33 -4.41
N ASN B 329 -11.36 -15.09 -4.57
CA ASN B 329 -10.74 -13.97 -3.84
C ASN B 329 -11.22 -14.02 -2.41
N LEU B 330 -10.87 -12.98 -1.64
CA LEU B 330 -11.20 -12.97 -0.21
C LEU B 330 -12.71 -12.96 0.04
N THR B 331 -13.42 -12.09 -0.67
CA THR B 331 -14.88 -11.95 -0.56
C THR B 331 -15.64 -13.26 -0.80
N GLN B 332 -15.32 -13.96 -1.89
CA GLN B 332 -15.95 -15.23 -2.24
C GLN B 332 -15.71 -16.31 -1.20
N PHE B 333 -14.48 -16.38 -0.69
CA PHE B 333 -14.06 -17.42 0.23
C PHE B 333 -14.48 -17.15 1.67
N TYR B 334 -14.85 -15.91 1.96
CA TYR B 334 -15.31 -15.53 3.30
C TYR B 334 -16.83 -15.31 3.43
N HIS B 335 -17.56 -15.47 2.32
CA HIS B 335 -19.02 -15.39 2.36
C HIS B 335 -19.64 -16.63 1.71
N GLY B 351 -33.40 -8.08 15.36
CA GLY B 351 -33.80 -8.74 16.58
C GLY B 351 -33.20 -10.13 16.72
N PHE B 352 -31.86 -10.19 16.84
CA PHE B 352 -31.15 -11.48 16.93
C PHE B 352 -30.25 -11.60 18.15
N LEU B 353 -30.11 -12.84 18.63
CA LEU B 353 -29.17 -13.12 19.71
C LEU B 353 -28.06 -14.00 19.16
N GLN B 354 -26.86 -13.46 19.07
CA GLN B 354 -25.71 -14.20 18.58
C GLN B 354 -25.14 -14.97 19.76
N TYR B 355 -25.04 -16.28 19.60
CA TYR B 355 -24.59 -17.16 20.67
C TYR B 355 -23.46 -18.02 20.13
N GLN B 356 -22.30 -17.99 20.81
CA GLN B 356 -21.17 -18.79 20.36
C GLN B 356 -20.53 -19.48 21.56
N PHE B 357 -20.18 -20.75 21.36
CA PHE B 357 -19.49 -21.49 22.39
C PHE B 357 -18.56 -22.47 21.75
N VAL B 358 -17.72 -23.10 22.57
CA VAL B 358 -16.81 -24.16 22.10
C VAL B 358 -16.82 -25.29 23.13
N ILE B 359 -16.80 -26.53 22.66
CA ILE B 359 -16.85 -27.70 23.52
C ILE B 359 -15.54 -28.45 23.30
N PRO B 360 -14.89 -28.90 24.39
CA PRO B 360 -13.56 -29.52 24.24
C PRO B 360 -13.64 -30.69 23.27
N THR B 361 -12.59 -30.90 22.48
CA THR B 361 -12.59 -31.90 21.42
C THR B 361 -13.10 -33.28 21.88
N GLU B 362 -12.58 -33.76 23.02
CA GLU B 362 -12.90 -35.10 23.47
C GLU B 362 -14.38 -35.26 23.87
N ALA B 363 -15.00 -34.18 24.34
CA ALA B 363 -16.42 -34.21 24.70
C ALA B 363 -17.31 -34.15 23.46
N VAL B 364 -17.03 -34.98 22.47
CA VAL B 364 -17.78 -34.96 21.21
C VAL B 364 -19.27 -35.36 21.39
N ASP B 365 -19.52 -36.39 22.19
CA ASP B 365 -20.90 -36.83 22.47
C ASP B 365 -21.74 -35.73 23.10
N GLU B 366 -21.11 -34.94 23.95
CA GLU B 366 -21.83 -33.84 24.58
C GLU B 366 -22.07 -32.72 23.57
N PHE B 367 -21.11 -32.53 22.67
CA PHE B 367 -21.31 -31.59 21.57
C PHE B 367 -22.55 -31.94 20.78
N LYS B 368 -22.64 -33.20 20.38
CA LYS B 368 -23.81 -33.67 19.65
C LYS B 368 -25.11 -33.42 20.44
N LYS B 369 -25.10 -33.71 21.73
CA LYS B 369 -26.33 -33.53 22.51
C LYS B 369 -26.76 -32.06 22.54
N ILE B 370 -25.82 -31.13 22.65
CA ILE B 370 -26.19 -29.71 22.70
C ILE B 370 -26.81 -29.28 21.37
N ILE B 371 -26.30 -29.81 20.27
CA ILE B 371 -26.87 -29.53 18.96
C ILE B 371 -28.32 -30.00 18.92
N GLY B 372 -28.54 -31.23 19.38
CA GLY B 372 -29.88 -31.79 19.48
C GLY B 372 -30.80 -30.92 20.32
N VAL B 373 -30.29 -30.44 21.45
CA VAL B 373 -31.10 -29.61 22.32
C VAL B 373 -31.51 -28.35 21.58
N ILE B 374 -30.55 -27.79 20.84
CA ILE B 374 -30.80 -26.57 20.06
C ILE B 374 -31.94 -26.72 19.05
N GLN B 375 -31.89 -27.76 18.22
CA GLN B 375 -32.90 -27.91 17.17
C GLN B 375 -34.31 -28.17 17.72
N ALA B 376 -34.38 -28.97 18.78
CA ALA B 376 -35.67 -29.31 19.37
C ALA B 376 -36.20 -28.22 20.29
N SER B 377 -35.41 -27.15 20.45
CA SER B 377 -35.78 -26.05 21.33
C SER B 377 -36.90 -25.19 20.75
N GLY B 378 -37.15 -25.33 19.45
CA GLY B 378 -38.12 -24.46 18.81
C GLY B 378 -37.55 -23.11 18.42
N HIS B 379 -36.27 -22.90 18.72
CA HIS B 379 -35.62 -21.67 18.27
C HIS B 379 -34.79 -21.99 17.06
N TYR B 380 -35.15 -21.38 15.92
CA TYR B 380 -34.53 -21.72 14.63
C TYR B 380 -33.39 -20.78 14.25
N SER B 381 -32.25 -21.37 13.90
CA SER B 381 -31.11 -20.59 13.45
C SER B 381 -30.67 -21.03 12.05
N PHE B 382 -30.67 -20.09 11.11
CA PHE B 382 -30.32 -20.38 9.72
C PHE B 382 -28.81 -20.20 9.47
N LEU B 383 -28.27 -19.13 10.06
CA LEU B 383 -26.86 -18.82 9.90
C LEU B 383 -26.02 -19.46 11.01
N ASN B 384 -25.42 -20.61 10.70
CA ASN B 384 -24.67 -21.36 11.69
C ASN B 384 -23.28 -21.71 11.20
N VAL B 385 -22.24 -21.10 11.79
CA VAL B 385 -20.88 -21.42 11.40
C VAL B 385 -20.21 -22.41 12.36
N PHE B 386 -19.72 -23.52 11.81
CA PHE B 386 -19.04 -24.58 12.55
C PHE B 386 -17.55 -24.61 12.18
N LYS B 387 -16.71 -24.88 13.18
CA LYS B 387 -15.28 -25.00 12.97
C LYS B 387 -14.64 -25.77 14.12
N LEU B 388 -13.61 -26.56 13.83
CA LEU B 388 -12.82 -27.22 14.87
C LEU B 388 -11.58 -26.38 15.17
N PHE B 389 -11.53 -25.76 16.35
CA PHE B 389 -10.34 -25.03 16.82
C PHE B 389 -9.13 -25.96 17.04
N GLY B 390 -7.94 -25.37 17.00
CA GLY B 390 -6.72 -26.10 17.28
C GLY B 390 -6.16 -25.71 18.65
N PRO B 391 -4.87 -25.93 18.87
CA PRO B 391 -4.30 -25.64 20.20
C PRO B 391 -4.59 -24.20 20.63
N ARG B 392 -4.65 -23.97 21.93
CA ARG B 392 -4.88 -22.65 22.48
C ARG B 392 -3.55 -21.92 22.72
N ASN B 393 -3.62 -20.69 23.20
CA ASN B 393 -2.42 -19.92 23.53
C ASN B 393 -2.34 -19.62 25.03
N GLN B 394 -1.34 -18.86 25.45
CA GLN B 394 -1.10 -18.68 26.89
C GLN B 394 -1.87 -17.55 27.52
N ALA B 395 -2.83 -16.98 26.81
CA ALA B 395 -3.65 -15.91 27.38
C ALA B 395 -4.76 -16.46 28.28
N PRO B 396 -4.68 -16.17 29.59
CA PRO B 396 -5.65 -16.64 30.57
C PRO B 396 -7.09 -16.53 30.10
N LEU B 397 -7.51 -15.38 29.59
CA LEU B 397 -8.91 -15.22 29.14
C LEU B 397 -9.14 -15.38 27.62
N SER B 398 -8.20 -16.02 26.94
CA SER B 398 -8.39 -16.32 25.54
C SER B 398 -9.56 -17.27 25.35
N PHE B 399 -10.50 -16.90 24.51
CA PHE B 399 -11.65 -17.77 24.21
C PHE B 399 -11.30 -19.15 23.60
N PRO B 400 -10.51 -19.22 22.51
CA PRO B 400 -10.41 -20.52 21.84
C PRO B 400 -9.67 -21.61 22.62
N ILE B 401 -10.24 -22.81 22.64
CA ILE B 401 -9.54 -24.02 23.05
C ILE B 401 -9.78 -25.10 21.99
N PRO B 402 -8.90 -26.11 21.88
CA PRO B 402 -9.15 -27.14 20.84
C PRO B 402 -10.50 -27.82 21.05
N GLY B 403 -11.32 -27.85 19.99
CA GLY B 403 -12.64 -28.43 20.08
C GLY B 403 -13.68 -27.84 19.15
N TRP B 404 -14.94 -28.19 19.41
CA TRP B 404 -16.04 -27.92 18.50
C TRP B 404 -16.63 -26.54 18.68
N ASN B 405 -16.34 -25.64 17.74
CA ASN B 405 -16.82 -24.25 17.86
C ASN B 405 -18.01 -23.99 16.96
N ILE B 406 -19.02 -23.32 17.51
CA ILE B 406 -20.25 -23.05 16.76
C ILE B 406 -20.81 -21.63 17.07
N CYS B 407 -21.29 -20.97 16.02
CA CYS B 407 -22.03 -19.71 16.15
C CYS B 407 -23.45 -19.91 15.69
N VAL B 408 -24.42 -19.45 16.48
CA VAL B 408 -25.81 -19.52 16.05
C VAL B 408 -26.49 -18.18 16.24
N ASP B 409 -27.43 -17.87 15.35
CA ASP B 409 -28.17 -16.62 15.44
C ASP B 409 -29.62 -16.91 15.74
N PHE B 410 -30.07 -16.47 16.91
CA PHE B 410 -31.41 -16.77 17.37
C PHE B 410 -32.31 -15.54 17.25
N PRO B 411 -33.43 -15.71 16.55
CA PRO B 411 -34.36 -14.58 16.48
C PRO B 411 -34.96 -14.35 17.86
N ILE B 412 -34.83 -13.11 18.33
CA ILE B 412 -35.42 -12.70 19.60
C ILE B 412 -36.89 -13.07 19.65
N LYS B 413 -37.25 -13.87 20.65
CA LYS B 413 -38.52 -14.59 20.68
C LYS B 413 -38.79 -15.02 22.15
N ASP B 414 -40.04 -15.33 22.50
CA ASP B 414 -40.41 -15.60 23.88
C ASP B 414 -39.71 -16.83 24.46
N GLY B 415 -39.21 -16.69 25.69
CA GLY B 415 -38.53 -17.78 26.38
C GLY B 415 -37.17 -18.12 25.81
N LEU B 416 -36.63 -17.22 24.97
CA LEU B 416 -35.30 -17.43 24.40
C LEU B 416 -34.24 -17.13 25.44
N GLY B 417 -34.40 -16.00 26.13
CA GLY B 417 -33.55 -15.65 27.25
C GLY B 417 -33.37 -16.79 28.24
N LYS B 418 -34.48 -17.45 28.57
CA LYS B 418 -34.49 -18.56 29.51
C LYS B 418 -33.80 -19.77 28.90
N PHE B 419 -34.04 -20.00 27.61
CA PHE B 419 -33.45 -21.14 26.93
C PHE B 419 -31.93 -21.06 26.83
N VAL B 420 -31.39 -19.87 26.61
CA VAL B 420 -29.95 -19.75 26.48
C VAL B 420 -29.26 -19.92 27.84
N SER B 421 -29.96 -19.55 28.91
CA SER B 421 -29.46 -19.78 30.26
C SER B 421 -29.16 -21.26 30.41
N GLU B 422 -30.05 -22.08 29.86
CA GLU B 422 -29.91 -23.53 29.96
C GLU B 422 -28.73 -24.00 29.15
N LEU B 423 -28.59 -23.42 27.96
CA LEU B 423 -27.45 -23.69 27.10
C LEU B 423 -26.14 -23.36 27.81
N ASP B 424 -26.07 -22.18 28.42
CA ASP B 424 -24.93 -21.81 29.25
C ASP B 424 -24.59 -22.95 30.21
N ARG B 425 -25.59 -23.44 30.92
CA ARG B 425 -25.36 -24.45 31.94
C ARG B 425 -24.87 -25.74 31.30
N ARG B 426 -25.41 -26.07 30.14
CA ARG B 426 -24.91 -27.23 29.39
C ARG B 426 -23.44 -27.06 28.92
N VAL B 427 -23.14 -25.92 28.29
CA VAL B 427 -21.79 -25.62 27.82
C VAL B 427 -20.80 -25.66 28.99
N LEU B 428 -21.24 -25.10 30.11
CA LEU B 428 -20.51 -25.12 31.37
C LEU B 428 -20.27 -26.54 31.90
N GLU B 429 -21.35 -27.31 31.97
CA GLU B 429 -21.29 -28.67 32.46
C GLU B 429 -20.30 -29.49 31.65
N PHE B 430 -20.19 -29.18 30.36
CA PHE B 430 -19.36 -29.99 29.49
C PHE B 430 -17.98 -29.43 29.20
N GLY B 431 -17.60 -28.41 29.95
CA GLY B 431 -16.21 -27.96 29.95
C GLY B 431 -15.88 -26.93 28.90
N GLY B 432 -16.92 -26.39 28.25
CA GLY B 432 -16.70 -25.42 27.20
C GLY B 432 -16.84 -24.01 27.73
N ARG B 433 -16.91 -23.03 26.83
CA ARG B 433 -17.13 -21.65 27.27
C ARG B 433 -17.80 -20.80 26.21
N LEU B 434 -18.25 -19.63 26.64
CA LEU B 434 -18.82 -18.60 25.79
C LEU B 434 -17.74 -17.61 25.42
N TYR B 435 -18.09 -16.69 24.51
CA TYR B 435 -17.17 -15.72 23.95
C TYR B 435 -17.65 -14.33 24.34
N THR B 436 -16.80 -13.55 24.99
CA THR B 436 -17.16 -12.20 25.46
C THR B 436 -17.44 -11.21 24.33
N ALA B 437 -16.83 -11.46 23.19
CA ALA B 437 -17.09 -10.65 22.00
C ALA B 437 -18.52 -10.84 21.46
N LYS B 438 -19.21 -11.89 21.93
CA LYS B 438 -20.59 -12.14 21.49
C LYS B 438 -21.61 -12.01 22.63
N ASP B 439 -21.13 -11.95 23.86
CA ASP B 439 -22.01 -12.14 25.04
C ASP B 439 -22.31 -10.88 25.84
N SER B 440 -23.56 -10.80 26.29
CA SER B 440 -23.97 -9.67 27.12
C SER B 440 -24.81 -10.13 28.34
N ARG B 441 -25.36 -11.35 28.27
CA ARG B 441 -26.33 -11.76 29.29
C ARG B 441 -25.87 -12.80 30.31
N THR B 442 -24.77 -13.49 30.07
CA THR B 442 -24.30 -14.50 31.03
C THR B 442 -23.91 -13.92 32.40
N THR B 443 -23.76 -14.79 33.40
CA THR B 443 -23.46 -14.33 34.76
C THR B 443 -21.99 -14.44 35.14
N ALA B 444 -21.61 -13.68 36.16
CA ALA B 444 -20.25 -13.71 36.68
C ALA B 444 -19.82 -15.13 37.03
N GLU B 445 -20.73 -15.87 37.66
CA GLU B 445 -20.39 -17.17 38.19
C GLU B 445 -20.15 -18.17 37.08
N THR B 446 -21.02 -18.13 36.06
CA THR B 446 -20.84 -18.97 34.89
C THR B 446 -19.51 -18.64 34.20
N PHE B 447 -19.23 -17.36 34.01
CA PHE B 447 -18.01 -16.96 33.33
C PHE B 447 -16.79 -17.44 34.11
N HIS B 448 -16.80 -17.19 35.40
CA HIS B 448 -15.65 -17.57 36.24
C HIS B 448 -15.39 -19.06 36.18
N ALA B 449 -16.46 -19.84 36.03
CA ALA B 449 -16.29 -21.29 35.99
C ALA B 449 -15.80 -21.74 34.62
N MET B 450 -16.21 -21.02 33.58
CA MET B 450 -15.79 -21.36 32.22
C MET B 450 -14.31 -21.07 31.98
N TYR B 451 -13.78 -20.05 32.65
CA TYR B 451 -12.36 -19.70 32.51
C TYR B 451 -11.58 -19.90 33.81
N PRO B 452 -11.15 -21.14 34.07
CA PRO B 452 -10.43 -21.51 35.31
C PRO B 452 -9.28 -20.57 35.70
N ARG B 453 -8.64 -19.97 34.70
CA ARG B 453 -7.50 -19.08 34.94
C ARG B 453 -7.89 -17.63 35.21
N VAL B 454 -9.20 -17.37 35.35
CA VAL B 454 -9.66 -16.00 35.54
C VAL B 454 -9.01 -15.36 36.76
N ASP B 455 -8.86 -16.13 37.83
CA ASP B 455 -8.31 -15.59 39.05
C ASP B 455 -6.83 -15.26 38.89
N GLU B 456 -6.11 -16.07 38.11
CA GLU B 456 -4.74 -15.71 37.73
C GLU B 456 -4.71 -14.37 36.99
N TRP B 457 -5.66 -14.19 36.07
CA TRP B 457 -5.78 -12.98 35.28
C TRP B 457 -6.12 -11.76 36.13
N ILE B 458 -7.11 -11.87 36.99
CA ILE B 458 -7.48 -10.79 37.90
C ILE B 458 -6.28 -10.28 38.70
N SER B 459 -5.45 -11.21 39.13
CA SER B 459 -4.27 -10.90 39.92
C SER B 459 -3.37 -9.93 39.18
N VAL B 460 -3.01 -10.32 37.96
CA VAL B 460 -2.22 -9.47 37.06
C VAL B 460 -2.90 -8.12 36.81
N ARG B 461 -4.20 -8.16 36.51
CA ARG B 461 -4.99 -6.95 36.33
C ARG B 461 -4.96 -6.02 37.54
N ARG B 462 -4.90 -6.59 38.74
CA ARG B 462 -4.87 -5.74 39.92
C ARG B 462 -3.49 -5.16 40.22
N LYS B 463 -2.44 -5.88 39.84
CA LYS B 463 -1.10 -5.35 39.96
C LYS B 463 -0.88 -4.11 39.07
N VAL B 464 -1.64 -4.01 37.97
CA VAL B 464 -1.39 -2.98 36.96
C VAL B 464 -2.42 -1.85 36.98
N ASP B 465 -3.61 -2.13 37.51
CA ASP B 465 -4.61 -1.09 37.72
C ASP B 465 -5.23 -1.28 39.12
N PRO B 466 -4.45 -0.94 40.17
CA PRO B 466 -4.93 -1.16 41.53
C PRO B 466 -6.14 -0.29 41.86
N LEU B 467 -6.21 0.91 41.31
CA LEU B 467 -7.30 1.83 41.67
C LEU B 467 -8.53 1.77 40.74
N ARG B 468 -8.62 0.71 39.92
CA ARG B 468 -9.76 0.54 39.01
C ARG B 468 -9.95 1.68 38.02
N VAL B 469 -8.86 2.12 37.38
CA VAL B 469 -8.93 3.22 36.41
C VAL B 469 -9.62 2.75 35.11
N PHE B 470 -9.40 1.49 34.74
CA PHE B 470 -10.09 0.95 33.57
C PHE B 470 -11.27 0.04 33.94
N ALA B 471 -12.41 0.31 33.32
CA ALA B 471 -13.65 -0.36 33.70
C ALA B 471 -14.66 -0.29 32.58
N SER B 472 -15.58 -1.25 32.57
CA SER B 472 -16.65 -1.28 31.58
C SER B 472 -17.88 -1.98 32.13
N ASP B 473 -18.99 -1.89 31.42
CA ASP B 473 -20.18 -2.64 31.77
C ASP B 473 -19.88 -4.12 31.95
N MET B 474 -19.20 -4.72 30.97
CA MET B 474 -18.81 -6.13 31.12
C MET B 474 -17.99 -6.43 32.39
N ALA B 475 -16.98 -5.63 32.68
CA ALA B 475 -16.12 -5.90 33.83
C ALA B 475 -16.94 -5.90 35.13
N ARG B 476 -17.95 -5.05 35.18
CA ARG B 476 -18.80 -5.00 36.38
C ARG B 476 -19.74 -6.20 36.41
N ARG B 477 -20.39 -6.48 35.28
CA ARG B 477 -21.28 -7.63 35.15
C ARG B 477 -20.58 -8.96 35.42
N LEU B 478 -19.39 -9.14 34.90
CA LEU B 478 -18.71 -10.43 35.05
C LEU B 478 -17.72 -10.41 36.21
N GLU B 479 -17.76 -9.31 36.96
CA GLU B 479 -16.91 -9.14 38.14
C GLU B 479 -15.46 -9.41 37.78
N LEU B 480 -14.97 -8.63 36.83
CA LEU B 480 -13.59 -8.70 36.37
C LEU B 480 -12.89 -7.44 36.82
N LEU B 481 -13.70 -6.47 37.23
CA LEU B 481 -13.21 -5.20 37.75
C LEU B 481 -12.19 -5.41 38.87
#